data_4Y8C
#
_entry.id   4Y8C
#
_cell.length_a   104.719
_cell.length_b   104.719
_cell.length_c   270.274
_cell.angle_alpha   90.00
_cell.angle_beta   90.00
_cell.angle_gamma   90.00
#
_symmetry.space_group_name_H-M   'P 41 21 2'
#
loop_
_entity.id
_entity.type
_entity.pdbx_description
1 polymer "High affinity cGMP-specific 3',5'-cyclic phosphodiesterase 9A"
2 non-polymer 6-{[(1S)-1-(4-chlorophenyl)ethyl]amino}-1-cyclopentyl-1,5-dihydro-4H-pyrazolo[3,4-d]pyrimidin-4-one
3 non-polymer 'ZINC ION'
4 non-polymer 'MAGNESIUM ION'
5 water water
#
_entity_poly.entity_id   1
_entity_poly.type   'polypeptide(L)'
_entity_poly.pdbx_seq_one_letter_code
;MGSGSSSYRPKAIYLDIDGRIQKVIFSKYCNSSDIMDLFCIATGLPRNTTISLLTTDDAMVSIDPTMPANSERTPYKVRP
VAIKQLSEREELIQSVLAQVAEQFSRAFKINELKAEVANHLAVLEKRVELEGLKVVEIEKCKSDIKKMREELAARSSRTN
CPCKYSFLDNHKKLTPRRDVPTYPKYLLSPETIEALRKPTFDVWLWEPNEMLSCLEHMYHDLGLVRDFSINPVTLRRWLF
CVHDNYRNNPFHNFRHCFCVAQMMYSMVWLCSLQEKFSQTDILILMTAAICHDLDHPGYNNTYQINARTELAVRYNDISP
LENHHCAVAFQILAEPECNIFSNIPPDGFKQIRQGMITLILATDMARHAEIMDSFKEKMENFDYSNEEHMTLLKMILIKC
CDISNEVRPMEVAEPWVDCLLEEYFMQSDREKSEGLPVAPFMDRDKVTKATAQIGFIKFVLIPMFETVTKLFPMVEEIML
QPLWESRDRYEELKRIDDAMKELQKKTDSLTSGATEKSRERSRDVKNSEGDCA
;
_entity_poly.pdbx_strand_id   A,B
#
# COMPACT_ATOMS: atom_id res chain seq x y z
N LYS A 185 -6.77 44.14 -6.54
CA LYS A 185 -6.51 43.09 -5.48
C LYS A 185 -6.58 41.68 -6.04
N TYR A 186 -7.65 41.44 -6.77
CA TYR A 186 -7.91 40.20 -7.50
C TYR A 186 -6.68 39.77 -8.35
N LEU A 187 -6.05 40.75 -9.00
CA LEU A 187 -5.02 40.52 -10.01
C LEU A 187 -3.63 40.74 -9.46
N LEU A 188 -2.72 39.86 -9.81
CA LEU A 188 -1.35 39.93 -9.33
C LEU A 188 -0.61 41.09 -10.00
N SER A 189 0.23 41.79 -9.25
CA SER A 189 1.07 42.84 -9.83
C SER A 189 2.30 42.18 -10.46
N PRO A 190 3.00 42.88 -11.37
CA PRO A 190 4.24 42.34 -11.95
C PRO A 190 5.34 42.06 -10.93
N GLU A 191 5.37 42.85 -9.86
CA GLU A 191 6.31 42.65 -8.75
C GLU A 191 6.02 41.33 -8.05
N THR A 192 4.74 41.06 -7.79
CA THR A 192 4.35 39.79 -7.19
C THR A 192 4.78 38.63 -8.10
N ILE A 193 4.41 38.70 -9.38
CA ILE A 193 4.85 37.71 -10.39
C ILE A 193 6.36 37.47 -10.33
N GLU A 194 7.13 38.54 -10.20
CA GLU A 194 8.59 38.47 -10.16
C GLU A 194 9.09 37.80 -8.87
N ALA A 195 8.45 38.13 -7.76
CA ALA A 195 8.84 37.63 -6.44
C ALA A 195 8.51 36.15 -6.25
N LEU A 196 7.46 35.71 -6.93
CA LEU A 196 6.99 34.33 -6.88
C LEU A 196 8.06 33.32 -7.27
N ARG A 197 9.04 33.74 -8.08
CA ARG A 197 10.11 32.85 -8.53
C ARG A 197 11.15 32.53 -7.46
N LYS A 198 11.16 33.30 -6.37
CA LYS A 198 12.22 33.20 -5.36
C LYS A 198 11.67 32.65 -4.05
N PRO A 199 12.51 31.91 -3.30
CA PRO A 199 12.17 31.38 -1.96
C PRO A 199 11.99 32.46 -0.87
N THR A 200 12.32 33.70 -1.20
CA THR A 200 12.07 34.83 -0.32
C THR A 200 10.60 35.24 -0.28
N PHE A 201 9.78 34.68 -1.15
CA PHE A 201 8.38 35.09 -1.26
C PHE A 201 7.66 35.04 0.09
N ASP A 202 6.92 36.11 0.40
CA ASP A 202 6.20 36.22 1.67
C ASP A 202 4.83 35.57 1.50
N VAL A 203 4.76 34.32 1.92
CA VAL A 203 3.54 33.53 1.74
C VAL A 203 2.36 34.03 2.59
N TRP A 204 2.64 34.82 3.62
CA TRP A 204 1.60 35.29 4.54
C TRP A 204 0.77 36.46 4.03
N LEU A 205 1.33 37.27 3.13
CA LEU A 205 0.62 38.43 2.61
C LEU A 205 -0.74 38.07 2.00
N TRP A 206 -0.83 36.88 1.41
CA TRP A 206 -1.91 36.58 0.48
C TRP A 206 -3.00 35.77 1.11
N GLU A 207 -4.22 36.04 0.68
CA GLU A 207 -5.39 35.31 1.11
C GLU A 207 -5.65 34.25 0.05
N PRO A 208 -6.54 33.29 0.33
CA PRO A 208 -6.69 32.15 -0.57
C PRO A 208 -6.80 32.45 -2.09
N ASN A 209 -7.66 33.40 -2.48
CA ASN A 209 -7.84 33.71 -3.91
C ASN A 209 -6.56 34.16 -4.61
N GLU A 210 -5.72 34.90 -3.91
CA GLU A 210 -4.49 35.40 -4.50
C GLU A 210 -3.46 34.28 -4.62
N MET A 211 -3.52 33.32 -3.69
CA MET A 211 -2.67 32.14 -3.77
C MET A 211 -3.11 31.26 -4.93
N LEU A 212 -4.41 31.13 -5.13
CA LEU A 212 -4.91 30.39 -6.29
C LEU A 212 -4.44 30.99 -7.62
N SER A 213 -4.42 32.32 -7.71
CA SER A 213 -3.97 32.99 -8.93
C SER A 213 -2.49 32.77 -9.14
N CYS A 214 -1.74 32.76 -8.04
CA CYS A 214 -0.30 32.48 -8.09
C CYS A 214 -0.04 31.07 -8.62
N LEU A 215 -0.81 30.10 -8.13
CA LEU A 215 -0.66 28.73 -8.60
C LEU A 215 -1.06 28.62 -10.06
N GLU A 216 -2.16 29.29 -10.40
CA GLU A 216 -2.55 29.41 -11.79
C GLU A 216 -1.39 29.94 -12.64
N HIS A 217 -0.83 31.06 -12.22
CA HIS A 217 0.25 31.67 -13.00
C HIS A 217 1.38 30.68 -13.24
N MET A 218 1.72 29.89 -12.21
CA MET A 218 2.83 28.93 -12.32
C MET A 218 2.59 27.96 -13.45
N TYR A 219 1.37 27.47 -13.60
CA TYR A 219 1.08 26.50 -14.65
C TYR A 219 1.21 27.12 -16.03
N HIS A 220 0.65 28.31 -16.24
CA HIS A 220 0.88 29.05 -17.50
C HIS A 220 2.37 29.32 -17.70
N ASP A 221 3.01 29.93 -16.71
CA ASP A 221 4.42 30.35 -16.81
C ASP A 221 5.41 29.23 -17.12
N LEU A 222 5.15 28.02 -16.65
CA LEU A 222 6.03 26.87 -16.86
C LEU A 222 5.79 26.18 -18.22
N GLY A 223 4.78 26.63 -18.95
CA GLY A 223 4.45 26.02 -20.24
C GLY A 223 3.58 24.77 -20.16
N LEU A 224 3.03 24.49 -18.97
CA LEU A 224 2.25 23.28 -18.75
C LEU A 224 0.86 23.37 -19.37
N VAL A 225 0.29 24.58 -19.37
CA VAL A 225 -1.00 24.82 -20.01
C VAL A 225 -0.83 24.60 -21.51
N ARG A 226 0.18 25.26 -22.04
CA ARG A 226 0.51 25.14 -23.44
C ARG A 226 0.79 23.68 -23.81
N ASP A 227 1.77 23.05 -23.17
CA ASP A 227 2.23 21.74 -23.59
C ASP A 227 1.30 20.55 -23.26
N PHE A 228 0.26 20.75 -22.45
CA PHE A 228 -0.69 19.67 -22.15
C PHE A 228 -2.14 20.05 -22.48
N SER A 229 -2.32 21.16 -23.19
CA SER A 229 -3.64 21.65 -23.58
C SER A 229 -4.61 21.67 -22.40
N ILE A 230 -4.13 22.13 -21.27
CA ILE A 230 -5.00 22.28 -20.12
C ILE A 230 -5.96 23.39 -20.47
N ASN A 231 -7.25 23.10 -20.40
CA ASN A 231 -8.27 24.11 -20.55
C ASN A 231 -8.08 25.13 -19.41
N PRO A 232 -7.82 26.41 -19.76
CA PRO A 232 -7.54 27.44 -18.75
C PRO A 232 -8.59 27.61 -17.66
N VAL A 233 -9.86 27.34 -17.97
CA VAL A 233 -10.93 27.49 -16.96
C VAL A 233 -10.95 26.26 -16.06
N THR A 234 -10.76 25.09 -16.66
CA THR A 234 -10.63 23.86 -15.90
C THR A 234 -9.50 23.98 -14.86
N LEU A 235 -8.38 24.60 -15.26
CA LEU A 235 -7.27 24.87 -14.35
C LEU A 235 -7.73 25.66 -13.13
N ARG A 236 -8.51 26.72 -13.36
CA ARG A 236 -9.01 27.53 -12.24
C ARG A 236 -9.97 26.72 -11.38
N ARG A 237 -10.86 25.99 -12.01
CA ARG A 237 -11.82 25.16 -11.27
C ARG A 237 -11.13 24.09 -10.45
N TRP A 238 -10.09 23.51 -11.03
CA TRP A 238 -9.35 22.44 -10.38
C TRP A 238 -8.68 22.97 -9.12
N LEU A 239 -8.08 24.16 -9.23
CA LEU A 239 -7.41 24.76 -8.08
C LEU A 239 -8.41 25.08 -6.98
N PHE A 240 -9.59 25.55 -7.36
CA PHE A 240 -10.62 25.84 -6.37
C PHE A 240 -11.08 24.54 -5.70
N CYS A 241 -11.20 23.47 -6.47
CA CYS A 241 -11.61 22.19 -5.92
C CYS A 241 -10.55 21.60 -4.99
N VAL A 242 -9.29 21.73 -5.38
CA VAL A 242 -8.18 21.35 -4.51
C VAL A 242 -8.31 22.14 -3.21
N HIS A 243 -8.48 23.45 -3.33
CA HIS A 243 -8.63 24.31 -2.15
C HIS A 243 -9.73 23.82 -1.21
N ASP A 244 -10.88 23.51 -1.78
CA ASP A 244 -12.03 23.07 -0.99
C ASP A 244 -11.71 21.81 -0.17
N ASN A 245 -10.78 21.00 -0.66
CA ASN A 245 -10.46 19.72 -0.03
C ASN A 245 -9.27 19.77 0.94
N TYR A 246 -8.65 20.93 1.11
CA TYR A 246 -7.70 21.08 2.22
C TYR A 246 -8.51 21.53 3.41
N ARG A 247 -8.08 21.13 4.61
CA ARG A 247 -8.79 21.45 5.85
C ARG A 247 -8.12 22.57 6.64
N ASN A 248 -8.88 23.19 7.53
CA ASN A 248 -8.34 24.27 8.37
C ASN A 248 -7.61 23.76 9.61
N ASN A 249 -6.58 22.95 9.37
CA ASN A 249 -5.66 22.59 10.43
C ASN A 249 -4.74 23.79 10.61
N PRO A 250 -4.06 23.86 11.76
CA PRO A 250 -3.13 24.98 11.98
C PRO A 250 -1.91 24.94 11.06
N PHE A 251 -1.41 23.73 10.75
CA PHE A 251 -0.22 23.58 9.91
C PHE A 251 -0.57 22.99 8.54
N HIS A 252 -1.16 21.79 8.53
CA HIS A 252 -1.45 21.07 7.30
C HIS A 252 -2.70 21.60 6.61
N ASN A 253 -2.55 22.75 5.97
CA ASN A 253 -3.67 23.46 5.38
C ASN A 253 -3.34 23.92 3.97
N PHE A 254 -4.26 24.65 3.36
CA PHE A 254 -4.06 25.11 2.01
C PHE A 254 -2.81 25.96 1.86
N ARG A 255 -2.49 26.76 2.87
CA ARG A 255 -1.31 27.62 2.80
C ARG A 255 0.00 26.80 2.81
N HIS A 256 0.01 25.65 3.49
CA HIS A 256 1.18 24.76 3.46
C HIS A 256 1.33 24.22 2.05
N CYS A 257 0.22 23.81 1.48
CA CYS A 257 0.19 23.35 0.10
C CYS A 257 0.75 24.39 -0.85
N PHE A 258 0.41 25.64 -0.62
CA PHE A 258 0.98 26.73 -1.41
C PHE A 258 2.47 26.87 -1.22
N CYS A 259 2.94 26.76 0.02
CA CYS A 259 4.38 26.89 0.30
C CYS A 259 5.20 25.84 -0.43
N VAL A 260 4.65 24.64 -0.51
CA VAL A 260 5.36 23.54 -1.09
C VAL A 260 5.40 23.74 -2.61
N ALA A 261 4.26 24.05 -3.20
CA ALA A 261 4.18 24.30 -4.63
C ALA A 261 5.08 25.47 -5.04
N GLN A 262 5.04 26.54 -4.24
CA GLN A 262 5.81 27.74 -4.55
C GLN A 262 7.31 27.53 -4.36
N MET A 263 7.69 26.65 -3.45
CA MET A 263 9.11 26.35 -3.28
C MET A 263 9.59 25.47 -4.44
N MET A 264 8.72 24.58 -4.91
CA MET A 264 9.02 23.77 -6.10
C MET A 264 9.24 24.70 -7.30
N TYR A 265 8.29 25.60 -7.53
CA TYR A 265 8.41 26.62 -8.56
C TYR A 265 9.76 27.34 -8.46
N SER A 266 10.15 27.72 -7.24
CA SER A 266 11.40 28.43 -7.02
C SER A 266 12.60 27.59 -7.40
N MET A 267 12.50 26.29 -7.19
CA MET A 267 13.60 25.41 -7.47
C MET A 267 13.72 25.10 -8.95
N VAL A 268 12.59 25.14 -9.66
CA VAL A 268 12.64 24.99 -11.10
C VAL A 268 13.51 26.09 -11.72
N TRP A 269 13.42 27.31 -11.19
CA TRP A 269 14.21 28.42 -11.69
C TRP A 269 15.62 28.36 -11.14
N LEU A 270 15.75 28.33 -9.82
CA LEU A 270 17.06 28.28 -9.19
C LEU A 270 17.95 27.19 -9.80
N CYS A 271 17.44 25.97 -9.85
CA CYS A 271 18.23 24.84 -10.35
C CYS A 271 18.09 24.60 -11.86
N SER A 272 17.36 25.47 -12.57
CA SER A 272 17.17 25.36 -14.02
C SER A 272 16.72 23.96 -14.41
N LEU A 273 15.62 23.52 -13.80
CA LEU A 273 15.17 22.15 -13.96
C LEU A 273 14.57 21.84 -15.33
N GLN A 274 14.20 22.86 -16.10
CA GLN A 274 13.64 22.62 -17.44
C GLN A 274 14.68 22.10 -18.46
N GLU A 275 15.97 22.28 -18.13
CA GLU A 275 17.06 21.68 -18.89
C GLU A 275 17.23 20.19 -18.62
N LYS A 276 16.90 19.74 -17.42
CA LYS A 276 17.14 18.36 -17.01
C LYS A 276 15.90 17.48 -17.07
N PHE A 277 14.72 18.07 -16.92
CA PHE A 277 13.47 17.32 -16.81
C PHE A 277 12.57 17.60 -17.97
N SER A 278 11.85 16.58 -18.42
CA SER A 278 10.82 16.75 -19.41
C SER A 278 9.72 17.59 -18.82
N GLN A 279 8.82 18.07 -19.67
CA GLN A 279 7.69 18.84 -19.20
C GLN A 279 6.71 17.97 -18.42
N THR A 280 6.70 16.68 -18.72
CA THR A 280 5.88 15.72 -17.97
C THR A 280 6.39 15.60 -16.54
N ASP A 281 7.72 15.55 -16.39
CA ASP A 281 8.31 15.49 -15.07
C ASP A 281 8.00 16.74 -14.24
N ILE A 282 8.00 17.90 -14.89
CA ILE A 282 7.68 19.16 -14.21
C ILE A 282 6.21 19.17 -13.76
N LEU A 283 5.33 18.71 -14.63
CA LEU A 283 3.92 18.62 -14.30
C LEU A 283 3.69 17.69 -13.11
N ILE A 284 4.39 16.56 -13.10
CA ILE A 284 4.32 15.64 -11.98
C ILE A 284 4.79 16.34 -10.71
N LEU A 285 5.92 17.01 -10.79
CA LEU A 285 6.46 17.71 -9.62
C LEU A 285 5.51 18.75 -9.07
N MET A 286 4.94 19.59 -9.94
CA MET A 286 4.09 20.67 -9.51
C MET A 286 2.75 20.17 -8.98
N THR A 287 2.14 19.24 -9.71
CA THR A 287 0.82 18.74 -9.34
C THR A 287 0.88 17.91 -8.06
N ALA A 288 1.93 17.12 -7.91
CA ALA A 288 2.11 16.34 -6.69
C ALA A 288 2.31 17.29 -5.51
N ALA A 289 3.05 18.37 -5.72
CA ALA A 289 3.32 19.32 -4.65
C ALA A 289 2.02 19.95 -4.15
N ILE A 290 1.17 20.33 -5.11
CA ILE A 290 -0.11 20.92 -4.78
C ILE A 290 -1.02 19.95 -4.05
N CYS A 291 -0.98 18.68 -4.46
CA CYS A 291 -1.92 17.67 -3.96
C CYS A 291 -1.43 16.85 -2.77
N HIS A 292 -0.19 17.03 -2.34
CA HIS A 292 0.44 16.02 -1.50
C HIS A 292 -0.11 15.90 -0.07
N ASP A 293 -0.89 16.87 0.40
CA ASP A 293 -1.49 16.80 1.74
C ASP A 293 -3.02 16.96 1.71
N LEU A 294 -3.65 16.63 0.60
CA LEU A 294 -5.09 16.78 0.46
C LEU A 294 -5.87 16.08 1.59
N ASP A 295 -6.83 16.80 2.17
CA ASP A 295 -7.73 16.25 3.18
C ASP A 295 -7.00 15.70 4.41
N HIS A 296 -5.89 16.33 4.78
CA HIS A 296 -5.13 15.93 5.95
C HIS A 296 -6.01 16.20 7.18
N PRO A 297 -6.07 15.25 8.13
CA PRO A 297 -6.94 15.39 9.29
C PRO A 297 -6.35 16.16 10.48
N GLY A 298 -5.02 16.24 10.53
CA GLY A 298 -4.32 17.03 11.54
C GLY A 298 -3.69 16.15 12.60
N TYR A 299 -3.73 14.83 12.40
CA TYR A 299 -3.07 13.86 13.27
C TYR A 299 -2.31 12.90 12.34
N ASN A 300 -1.02 12.73 12.59
CA ASN A 300 -0.15 11.98 11.69
C ASN A 300 -0.37 10.44 11.68
N ASN A 301 0.48 9.73 10.95
CA ASN A 301 0.35 8.30 10.77
C ASN A 301 0.44 7.52 12.08
N THR A 302 1.41 7.89 12.93
CA THR A 302 1.55 7.26 14.24
C THR A 302 0.21 7.31 15.01
N TYR A 303 -0.49 8.44 14.97
CA TYR A 303 -1.81 8.50 15.58
C TYR A 303 -2.78 7.57 14.87
N GLN A 304 -2.81 7.63 13.53
CA GLN A 304 -3.73 6.80 12.75
C GLN A 304 -3.59 5.32 13.13
N ILE A 305 -2.35 4.85 13.22
CA ILE A 305 -2.07 3.45 13.45
C ILE A 305 -2.34 3.04 14.90
N ASN A 306 -1.80 3.81 15.86
CA ASN A 306 -1.97 3.51 17.27
C ASN A 306 -3.42 3.61 17.73
N ALA A 307 -4.16 4.58 17.19
CA ALA A 307 -5.59 4.72 17.50
C ALA A 307 -6.47 3.78 16.68
N ARG A 308 -5.87 3.05 15.73
CA ARG A 308 -6.58 2.11 14.86
C ARG A 308 -7.77 2.77 14.18
N THR A 309 -7.48 3.88 13.50
CA THR A 309 -8.49 4.69 12.84
C THR A 309 -9.01 4.05 11.57
N GLU A 310 -10.04 4.66 11.00
CA GLU A 310 -10.60 4.22 9.73
C GLU A 310 -9.58 4.18 8.60
N LEU A 311 -8.71 5.19 8.57
CA LEU A 311 -7.67 5.29 7.55
C LEU A 311 -6.56 4.28 7.71
N ALA A 312 -6.16 4.01 8.95
CA ALA A 312 -5.13 3.01 9.21
C ALA A 312 -5.64 1.62 8.85
N VAL A 313 -6.93 1.39 9.09
CA VAL A 313 -7.52 0.11 8.72
C VAL A 313 -7.61 -0.01 7.21
N ARG A 314 -8.08 1.06 6.56
CA ARG A 314 -8.25 1.06 5.11
C ARG A 314 -6.94 0.83 4.34
N TYR A 315 -5.85 1.40 4.83
CA TYR A 315 -4.54 1.26 4.18
C TYR A 315 -3.57 0.31 4.90
N ASN A 316 -4.09 -0.53 5.79
CA ASN A 316 -3.31 -1.56 6.49
C ASN A 316 -1.99 -1.07 7.09
N ASP A 317 -2.04 0.10 7.73
CA ASP A 317 -0.86 0.70 8.39
C ASP A 317 0.26 1.14 7.44
N ILE A 318 0.04 1.04 6.13
CA ILE A 318 1.04 1.44 5.16
C ILE A 318 0.78 2.88 4.70
N SER A 319 1.67 3.78 5.12
CA SER A 319 1.54 5.23 4.83
C SER A 319 0.09 5.70 4.64
N PRO A 320 -0.76 5.51 5.65
CA PRO A 320 -2.20 5.73 5.43
C PRO A 320 -2.56 7.13 4.98
N LEU A 321 -1.97 8.15 5.59
CA LEU A 321 -2.25 9.52 5.21
C LEU A 321 -1.86 9.81 3.77
N GLU A 322 -0.66 9.36 3.39
CA GLU A 322 -0.14 9.68 2.09
C GLU A 322 -0.88 8.94 0.97
N ASN A 323 -1.27 7.69 1.21
CA ASN A 323 -2.18 7.01 0.30
C ASN A 323 -3.51 7.76 0.17
N HIS A 324 -4.02 8.29 1.28
CA HIS A 324 -5.31 8.98 1.26
C HIS A 324 -5.27 10.30 0.50
N HIS A 325 -4.19 11.06 0.68
CA HIS A 325 -3.99 12.31 -0.06
C HIS A 325 -3.99 12.05 -1.54
N CYS A 326 -3.37 10.96 -1.92
CA CYS A 326 -3.20 10.57 -3.30
C CYS A 326 -4.56 10.20 -3.89
N ALA A 327 -5.25 9.30 -3.20
CA ALA A 327 -6.60 8.91 -3.56
C ALA A 327 -7.48 10.13 -3.80
N VAL A 328 -7.48 11.04 -2.83
CA VAL A 328 -8.29 12.24 -2.95
C VAL A 328 -7.88 13.02 -4.20
N ALA A 329 -6.58 13.13 -4.44
CA ALA A 329 -6.10 13.85 -5.61
C ALA A 329 -6.73 13.31 -6.90
N PHE A 330 -6.86 11.99 -7.02
CA PHE A 330 -7.38 11.42 -8.25
C PHE A 330 -8.89 11.31 -8.29
N GLN A 331 -9.55 11.33 -7.13
CA GLN A 331 -11.00 11.51 -7.10
C GLN A 331 -11.33 12.87 -7.67
N ILE A 332 -10.58 13.88 -7.24
CA ILE A 332 -10.73 15.23 -7.77
C ILE A 332 -10.56 15.27 -9.29
N LEU A 333 -9.53 14.61 -9.80
CA LEU A 333 -9.24 14.64 -11.23
C LEU A 333 -10.21 13.79 -12.06
N ALA A 334 -10.97 12.92 -11.40
CA ALA A 334 -11.98 12.12 -12.07
C ALA A 334 -13.25 12.92 -12.33
N GLU A 335 -13.47 13.98 -11.56
CA GLU A 335 -14.55 14.93 -11.83
C GLU A 335 -14.22 15.72 -13.10
N PRO A 336 -15.01 15.54 -14.17
CA PRO A 336 -14.59 16.10 -15.48
C PRO A 336 -14.38 17.62 -15.52
N GLU A 337 -15.08 18.36 -14.67
CA GLU A 337 -14.92 19.81 -14.63
C GLU A 337 -13.60 20.22 -13.96
N CYS A 338 -13.06 19.36 -13.11
CA CYS A 338 -11.78 19.59 -12.44
C CYS A 338 -10.61 18.92 -13.16
N ASN A 339 -10.85 18.24 -14.26
CA ASN A 339 -9.81 17.39 -14.85
C ASN A 339 -8.84 18.13 -15.78
N ILE A 340 -7.79 18.68 -15.19
CA ILE A 340 -6.78 19.37 -15.96
C ILE A 340 -6.02 18.46 -16.91
N PHE A 341 -6.16 17.14 -16.76
CA PHE A 341 -5.53 16.20 -17.69
C PHE A 341 -6.46 15.69 -18.79
N SER A 342 -7.65 16.27 -18.93
CA SER A 342 -8.64 15.72 -19.87
C SER A 342 -8.18 15.66 -21.33
N ASN A 343 -7.21 16.48 -21.73
CA ASN A 343 -6.68 16.42 -23.09
C ASN A 343 -5.33 15.80 -23.20
N ILE A 344 -4.99 14.93 -22.26
CA ILE A 344 -3.75 14.17 -22.33
C ILE A 344 -4.11 12.75 -22.78
N PRO A 345 -3.36 12.20 -23.75
CA PRO A 345 -3.64 10.80 -24.13
C PRO A 345 -3.47 9.81 -22.96
N PRO A 346 -4.30 8.76 -22.92
CA PRO A 346 -4.26 7.73 -21.88
C PRO A 346 -2.87 7.34 -21.37
N ASP A 347 -1.91 7.12 -22.27
CA ASP A 347 -0.56 6.72 -21.86
C ASP A 347 0.14 7.77 -21.03
N GLY A 348 -0.07 9.04 -21.40
CA GLY A 348 0.51 10.14 -20.67
C GLY A 348 -0.13 10.27 -19.30
N PHE A 349 -1.45 10.06 -19.26
CA PHE A 349 -2.15 10.05 -17.99
C PHE A 349 -1.54 9.00 -17.07
N LYS A 350 -1.35 7.80 -17.60
CA LYS A 350 -0.88 6.68 -16.78
C LYS A 350 0.49 7.00 -16.23
N GLN A 351 1.33 7.63 -17.05
CA GLN A 351 2.69 8.00 -16.66
C GLN A 351 2.69 9.10 -15.59
N ILE A 352 1.79 10.07 -15.74
CA ILE A 352 1.65 11.15 -14.78
C ILE A 352 1.11 10.62 -13.45
N ARG A 353 0.09 9.78 -13.53
CA ARG A 353 -0.48 9.13 -12.36
C ARG A 353 0.57 8.34 -11.57
N GLN A 354 1.35 7.52 -12.25
CA GLN A 354 2.37 6.72 -11.58
C GLN A 354 3.37 7.64 -10.90
N GLY A 355 3.83 8.66 -11.62
CA GLY A 355 4.80 9.61 -11.08
C GLY A 355 4.27 10.33 -9.86
N MET A 356 3.03 10.80 -9.93
CA MET A 356 2.42 11.49 -8.82
C MET A 356 2.29 10.59 -7.60
N ILE A 357 1.96 9.32 -7.82
CA ILE A 357 1.79 8.39 -6.69
C ILE A 357 3.13 8.21 -5.98
N THR A 358 4.17 7.98 -6.75
CA THR A 358 5.49 7.78 -6.16
C THR A 358 5.90 8.98 -5.29
N LEU A 359 5.63 10.19 -5.78
CA LEU A 359 6.10 11.40 -5.09
C LEU A 359 5.29 11.71 -3.84
N ILE A 360 3.97 11.60 -3.92
CA ILE A 360 3.13 11.85 -2.76
C ILE A 360 3.43 10.82 -1.68
N LEU A 361 3.54 9.55 -2.06
CA LEU A 361 3.94 8.52 -1.10
C LEU A 361 5.35 8.75 -0.54
N ALA A 362 6.22 9.39 -1.30
CA ALA A 362 7.59 9.62 -0.81
C ALA A 362 7.66 10.67 0.32
N THR A 363 6.61 11.47 0.47
CA THR A 363 6.59 12.52 1.51
C THR A 363 6.45 11.97 2.93
N ASP A 364 6.03 10.71 3.09
CA ASP A 364 5.98 10.07 4.40
C ASP A 364 7.39 10.05 5.01
N MET A 365 7.56 10.77 6.11
CA MET A 365 8.87 10.93 6.77
C MET A 365 9.40 9.64 7.40
N ALA A 366 8.55 8.68 7.66
CA ALA A 366 8.99 7.36 8.11
C ALA A 366 9.99 6.75 7.12
N ARG A 367 9.90 7.16 5.85
CA ARG A 367 10.79 6.68 4.79
C ARG A 367 11.98 7.61 4.53
N HIS A 368 12.16 8.64 5.35
CA HIS A 368 13.22 9.63 5.10
C HIS A 368 14.61 9.00 4.89
N ALA A 369 15.03 8.18 5.84
CA ALA A 369 16.38 7.60 5.82
C ALA A 369 16.57 6.63 4.65
N GLU A 370 15.55 5.82 4.37
CA GLU A 370 15.54 4.89 3.23
C GLU A 370 15.80 5.65 1.92
N ILE A 371 15.06 6.74 1.74
CA ILE A 371 15.10 7.50 0.50
C ILE A 371 16.42 8.25 0.38
N MET A 372 16.92 8.75 1.50
CA MET A 372 18.21 9.42 1.52
C MET A 372 19.35 8.45 1.23
N ASP A 373 19.30 7.26 1.81
CA ASP A 373 20.31 6.23 1.52
C ASP A 373 20.30 5.90 0.03
N SER A 374 19.10 5.68 -0.53
CA SER A 374 18.97 5.34 -1.94
C SER A 374 19.53 6.43 -2.81
N PHE A 375 19.23 7.68 -2.48
CA PHE A 375 19.70 8.80 -3.30
C PHE A 375 21.21 8.97 -3.20
N LYS A 376 21.76 8.88 -2.00
CA LYS A 376 23.21 9.04 -1.80
C LYS A 376 24.01 7.96 -2.52
N GLU A 377 23.43 6.76 -2.62
CA GLU A 377 24.03 5.68 -3.38
C GLU A 377 24.13 6.03 -4.87
N LYS A 378 23.09 6.65 -5.41
CA LYS A 378 23.08 7.07 -6.81
C LYS A 378 23.99 8.27 -7.05
N MET A 379 24.17 9.11 -6.03
CA MET A 379 25.06 10.27 -6.12
C MET A 379 26.54 9.92 -6.12
N GLU A 380 26.84 8.66 -5.82
CA GLU A 380 28.16 8.08 -6.01
C GLU A 380 28.58 8.17 -7.49
N ASN A 381 27.61 8.10 -8.39
CA ASN A 381 27.85 8.26 -9.83
C ASN A 381 26.53 8.60 -10.55
N PHE A 382 26.09 9.85 -10.43
CA PHE A 382 24.73 10.22 -10.88
C PHE A 382 24.59 10.37 -12.39
N ASP A 383 23.42 9.96 -12.90
CA ASP A 383 23.19 9.79 -14.33
C ASP A 383 21.81 10.37 -14.66
N TYR A 384 21.80 11.54 -15.28
CA TYR A 384 20.53 12.21 -15.63
C TYR A 384 19.67 11.45 -16.63
N SER A 385 20.22 10.41 -17.26
CA SER A 385 19.48 9.59 -18.21
C SER A 385 18.98 8.25 -17.64
N ASN A 386 19.35 7.95 -16.40
CA ASN A 386 18.83 6.78 -15.71
C ASN A 386 17.51 7.16 -15.03
N GLU A 387 16.44 6.46 -15.37
CA GLU A 387 15.08 6.79 -14.88
C GLU A 387 14.91 6.60 -13.37
N GLU A 388 15.52 5.54 -12.84
CA GLU A 388 15.59 5.31 -11.39
C GLU A 388 16.34 6.43 -10.66
N HIS A 389 17.36 7.01 -11.30
CA HIS A 389 18.08 8.12 -10.72
C HIS A 389 17.18 9.36 -10.69
N MET A 390 16.43 9.58 -11.77
CA MET A 390 15.55 10.73 -11.87
C MET A 390 14.37 10.59 -10.93
N THR A 391 13.84 9.38 -10.79
CA THR A 391 12.73 9.15 -9.89
C THR A 391 13.14 9.51 -8.46
N LEU A 392 14.35 9.16 -8.07
CA LEU A 392 14.83 9.50 -6.72
C LEU A 392 15.12 10.99 -6.56
N LEU A 393 15.65 11.62 -7.60
CA LEU A 393 15.86 13.07 -7.54
C LEU A 393 14.53 13.80 -7.34
N LYS A 394 13.46 13.34 -7.99
CA LYS A 394 12.15 14.00 -7.84
C LYS A 394 11.58 13.74 -6.45
N MET A 395 11.73 12.53 -5.96
CA MET A 395 11.35 12.20 -4.60
C MET A 395 12.07 13.13 -3.61
N ILE A 396 13.37 13.31 -3.78
CA ILE A 396 14.14 14.21 -2.95
C ILE A 396 13.68 15.64 -3.15
N LEU A 397 13.35 16.01 -4.38
CA LEU A 397 12.95 17.37 -4.65
C LEU A 397 11.67 17.76 -3.93
N ILE A 398 10.66 16.89 -3.99
CA ILE A 398 9.38 17.16 -3.32
C ILE A 398 9.52 17.11 -1.80
N LYS A 399 10.34 16.21 -1.29
CA LYS A 399 10.63 16.17 0.12
C LYS A 399 11.22 17.49 0.56
N CYS A 400 12.21 18.00 -0.19
CA CYS A 400 12.81 19.30 0.10
C CYS A 400 11.76 20.37 0.24
N CYS A 401 10.83 20.43 -0.69
CA CYS A 401 9.84 21.49 -0.70
C CYS A 401 8.85 21.33 0.44
N ASP A 402 8.49 20.09 0.75
CA ASP A 402 7.53 19.77 1.80
C ASP A 402 7.95 20.35 3.14
N ILE A 403 9.23 20.18 3.49
CA ILE A 403 9.75 20.55 4.81
C ILE A 403 10.63 21.81 4.78
N SER A 404 10.44 22.63 3.75
CA SER A 404 11.34 23.73 3.44
C SER A 404 11.09 25.02 4.20
N ASN A 405 10.17 25.05 5.14
CA ASN A 405 9.83 26.33 5.77
C ASN A 405 11.06 27.11 6.25
N GLU A 406 12.01 26.44 6.88
CA GLU A 406 13.14 27.16 7.51
C GLU A 406 14.13 27.78 6.52
N VAL A 407 14.03 27.39 5.25
CA VAL A 407 14.85 27.96 4.17
C VAL A 407 14.44 29.41 3.87
N ARG A 408 13.17 29.73 4.14
CA ARG A 408 12.63 31.07 3.90
C ARG A 408 13.18 32.08 4.92
N PRO A 409 13.04 33.40 4.65
CA PRO A 409 13.50 34.40 5.63
C PRO A 409 12.83 34.21 7.01
N MET A 410 13.55 34.61 8.06
CA MET A 410 13.08 34.39 9.44
C MET A 410 11.68 34.89 9.70
N GLU A 411 11.37 36.07 9.21
CA GLU A 411 10.04 36.68 9.40
C GLU A 411 8.92 35.80 8.81
N VAL A 412 9.25 35.10 7.72
CA VAL A 412 8.32 34.19 7.04
C VAL A 412 8.29 32.81 7.70
N ALA A 413 9.47 32.33 8.11
CA ALA A 413 9.61 31.00 8.71
C ALA A 413 9.04 30.85 10.12
N GLU A 414 9.25 31.86 10.97
CA GLU A 414 8.94 31.78 12.40
C GLU A 414 7.48 31.43 12.70
N PRO A 415 6.53 32.12 12.04
CA PRO A 415 5.12 31.82 12.29
C PRO A 415 4.71 30.36 11.96
N TRP A 416 5.39 29.73 11.00
CA TRP A 416 5.10 28.32 10.68
C TRP A 416 5.39 27.41 11.86
N VAL A 417 6.38 27.76 12.67
CA VAL A 417 6.69 26.98 13.86
C VAL A 417 5.55 27.00 14.89
N ASP A 418 4.89 28.14 15.06
CA ASP A 418 3.75 28.22 15.99
C ASP A 418 2.65 27.31 15.49
N CYS A 419 2.32 27.44 14.21
CA CYS A 419 1.39 26.54 13.55
C CYS A 419 1.76 25.07 13.77
N LEU A 420 3.02 24.74 13.55
CA LEU A 420 3.47 23.37 13.69
C LEU A 420 3.14 22.86 15.10
N LEU A 421 3.59 23.58 16.11
CA LEU A 421 3.36 23.14 17.49
C LEU A 421 1.88 23.11 17.86
N GLU A 422 1.13 24.13 17.44
CA GLU A 422 -0.30 24.17 17.73
C GLU A 422 -0.93 22.85 17.30
N GLU A 423 -0.59 22.40 16.10
CA GLU A 423 -1.19 21.19 15.52
C GLU A 423 -0.67 19.92 16.17
N TYR A 424 0.64 19.83 16.37
CA TYR A 424 1.23 18.65 16.95
C TYR A 424 0.86 18.51 18.45
N PHE A 425 0.73 19.63 19.16
CA PHE A 425 0.31 19.59 20.57
C PHE A 425 -1.14 19.14 20.71
N MET A 426 -1.99 19.59 19.79
CA MET A 426 -3.37 19.14 19.71
C MET A 426 -3.43 17.60 19.68
N GLN A 427 -2.52 16.99 18.91
CA GLN A 427 -2.45 15.53 18.80
C GLN A 427 -2.02 14.91 20.11
N SER A 428 -0.88 15.36 20.63
CA SER A 428 -0.29 14.76 21.82
C SER A 428 -1.19 14.92 23.06
N ASP A 429 -1.94 16.02 23.15
CA ASP A 429 -2.99 16.16 24.17
C ASP A 429 -4.02 15.04 24.10
N ARG A 430 -4.50 14.81 22.87
CA ARG A 430 -5.47 13.76 22.60
C ARG A 430 -4.87 12.38 22.88
N GLU A 431 -3.59 12.21 22.58
CA GLU A 431 -2.91 10.94 22.87
C GLU A 431 -2.80 10.69 24.39
N LYS A 432 -2.45 11.71 25.18
CA LYS A 432 -2.39 11.58 26.64
C LYS A 432 -3.80 11.21 27.14
N SER A 433 -4.77 11.94 26.62
CA SER A 433 -6.16 11.77 26.98
C SER A 433 -6.81 10.43 26.61
N GLU A 434 -6.23 9.70 25.65
CA GLU A 434 -6.82 8.43 25.20
C GLU A 434 -5.97 7.23 25.60
N GLY A 435 -4.87 7.47 26.31
CA GLY A 435 -3.99 6.40 26.76
C GLY A 435 -3.04 5.86 25.70
N LEU A 436 -2.88 6.60 24.60
CA LEU A 436 -1.99 6.17 23.53
C LEU A 436 -0.60 6.69 23.78
N PRO A 437 0.41 6.01 23.20
CA PRO A 437 1.78 6.48 23.37
C PRO A 437 1.94 7.92 22.88
N VAL A 438 2.75 8.69 23.62
CA VAL A 438 3.09 10.06 23.24
C VAL A 438 4.60 10.12 23.03
N ALA A 439 5.01 10.83 21.99
CA ALA A 439 6.41 10.99 21.67
C ALA A 439 6.94 12.23 22.38
N PRO A 440 8.06 12.09 23.11
CA PRO A 440 8.67 13.26 23.75
C PRO A 440 8.83 14.47 22.81
N PHE A 441 9.24 14.22 21.56
CA PHE A 441 9.56 15.32 20.62
C PHE A 441 8.38 16.24 20.31
N MET A 442 7.15 15.82 20.62
CA MET A 442 5.95 16.64 20.38
C MET A 442 5.05 16.73 21.61
N ASP A 443 5.67 16.58 22.79
CA ASP A 443 4.99 16.69 24.09
C ASP A 443 4.90 18.16 24.52
N ARG A 444 3.69 18.67 24.67
CA ARG A 444 3.48 20.07 25.04
C ARG A 444 4.23 20.56 26.29
N ASP A 445 4.58 19.64 27.21
CA ASP A 445 5.31 20.00 28.43
C ASP A 445 6.83 20.09 28.23
N LYS A 446 7.32 19.50 27.15
CA LYS A 446 8.77 19.30 26.98
C LYS A 446 9.40 20.09 25.84
N VAL A 447 8.59 20.75 25.02
CA VAL A 447 9.04 21.24 23.72
C VAL A 447 8.96 22.77 23.65
N THR A 448 10.10 23.39 23.31
CA THR A 448 10.17 24.80 23.02
C THR A 448 10.33 24.94 21.52
N LYS A 449 10.00 26.11 20.99
CA LYS A 449 10.20 26.42 19.57
C LYS A 449 11.64 26.03 19.15
N ALA A 450 12.62 26.31 19.99
CA ALA A 450 14.01 26.03 19.68
C ALA A 450 14.35 24.53 19.62
N THR A 451 13.93 23.75 20.61
CA THR A 451 14.23 22.29 20.62
C THR A 451 13.52 21.54 19.49
N ALA A 452 12.40 22.10 19.04
CA ALA A 452 11.68 21.58 17.87
C ALA A 452 12.50 21.66 16.57
N GLN A 453 13.25 22.74 16.39
CA GLN A 453 13.94 23.02 15.11
C GLN A 453 15.42 22.65 15.04
N ILE A 454 16.15 22.77 16.14
CA ILE A 454 17.60 22.62 16.09
C ILE A 454 17.97 21.27 15.48
N GLY A 455 17.45 20.18 16.04
CA GLY A 455 17.75 18.85 15.56
C GLY A 455 17.29 18.64 14.13
N PHE A 456 16.06 19.08 13.85
CA PHE A 456 15.47 18.93 12.55
C PHE A 456 16.31 19.63 11.50
N ILE A 457 16.74 20.86 11.79
CA ILE A 457 17.54 21.61 10.85
C ILE A 457 18.88 20.91 10.66
N LYS A 458 19.48 20.49 11.76
CA LYS A 458 20.85 19.96 11.72
C LYS A 458 20.94 18.59 11.07
N PHE A 459 20.00 17.71 11.36
CA PHE A 459 20.11 16.31 10.97
C PHE A 459 19.17 15.87 9.85
N VAL A 460 18.13 16.65 9.57
CA VAL A 460 17.22 16.35 8.46
C VAL A 460 17.41 17.32 7.30
N LEU A 461 17.31 18.62 7.57
CA LEU A 461 17.30 19.61 6.51
C LEU A 461 18.68 19.89 5.91
N ILE A 462 19.67 20.13 6.76
CA ILE A 462 20.98 20.51 6.25
C ILE A 462 21.59 19.39 5.41
N PRO A 463 21.63 18.16 5.95
CA PRO A 463 22.21 17.06 5.18
C PRO A 463 21.45 16.79 3.89
N MET A 464 20.15 17.01 3.86
CA MET A 464 19.38 16.77 2.64
C MET A 464 19.73 17.79 1.58
N PHE A 465 19.70 19.07 1.93
CA PHE A 465 20.09 20.11 0.99
C PHE A 465 21.59 20.06 0.63
N GLU A 466 22.43 19.52 1.51
CA GLU A 466 23.87 19.36 1.21
C GLU A 466 24.04 18.41 0.02
N THR A 467 23.34 17.29 0.07
CA THR A 467 23.34 16.31 -1.00
C THR A 467 22.81 16.91 -2.31
N VAL A 468 21.71 17.64 -2.24
CA VAL A 468 21.13 18.26 -3.43
C VAL A 468 22.13 19.26 -4.03
N THR A 469 22.81 20.02 -3.17
CA THR A 469 23.79 21.01 -3.61
C THR A 469 24.90 20.44 -4.51
N LYS A 470 25.27 19.18 -4.28
CA LYS A 470 26.27 18.52 -5.12
C LYS A 470 25.86 18.44 -6.59
N LEU A 471 24.56 18.32 -6.83
CA LEU A 471 24.01 18.40 -8.19
C LEU A 471 23.83 19.83 -8.62
N PHE A 472 23.42 20.68 -7.69
CA PHE A 472 23.05 22.07 -7.99
C PHE A 472 23.76 22.98 -6.99
N PRO A 473 24.99 23.40 -7.31
CA PRO A 473 25.82 24.17 -6.36
C PRO A 473 25.23 25.55 -5.99
N MET A 474 24.36 26.09 -6.82
CA MET A 474 23.71 27.38 -6.55
C MET A 474 22.75 27.29 -5.36
N VAL A 475 22.34 26.07 -5.02
CA VAL A 475 21.50 25.83 -3.86
C VAL A 475 22.18 26.23 -2.57
N GLU A 476 23.49 26.01 -2.47
CA GLU A 476 24.20 26.30 -1.23
C GLU A 476 23.91 27.71 -0.73
N GLU A 477 24.13 28.69 -1.60
CA GLU A 477 24.02 30.08 -1.17
C GLU A 477 22.57 30.52 -0.93
N ILE A 478 21.63 29.98 -1.71
CA ILE A 478 20.23 30.40 -1.62
C ILE A 478 19.46 29.67 -0.52
N MET A 479 19.87 28.44 -0.19
CA MET A 479 19.09 27.61 0.72
C MET A 479 19.83 27.06 1.94
N LEU A 480 21.06 26.63 1.79
CA LEU A 480 21.86 26.22 2.95
C LEU A 480 22.23 27.41 3.83
N GLN A 481 22.34 28.59 3.23
CA GLN A 481 22.71 29.79 3.96
C GLN A 481 21.64 30.15 5.00
N PRO A 482 20.37 30.40 4.58
CA PRO A 482 19.36 30.68 5.61
C PRO A 482 19.20 29.57 6.65
N LEU A 483 19.46 28.32 6.26
CA LEU A 483 19.45 27.21 7.19
C LEU A 483 20.53 27.31 8.27
N TRP A 484 21.74 27.68 7.86
CA TRP A 484 22.84 27.85 8.82
C TRP A 484 22.51 28.99 9.79
N GLU A 485 22.00 30.09 9.26
CA GLU A 485 21.62 31.23 10.07
C GLU A 485 20.48 30.87 11.05
N SER A 486 19.53 30.06 10.58
CA SER A 486 18.40 29.62 11.41
C SER A 486 18.89 28.70 12.55
N ARG A 487 19.72 27.72 12.22
CA ARG A 487 20.30 26.84 13.22
C ARG A 487 20.98 27.64 14.34
N ASP A 488 21.80 28.60 13.93
CA ASP A 488 22.54 29.43 14.88
C ASP A 488 21.61 30.28 15.75
N ARG A 489 20.55 30.82 15.16
CA ARG A 489 19.62 31.65 15.94
C ARG A 489 18.85 30.80 16.95
N TYR A 490 18.39 29.62 16.55
CA TYR A 490 17.66 28.74 17.48
C TYR A 490 18.58 28.22 18.58
N GLU A 491 19.83 27.95 18.27
CA GLU A 491 20.80 27.56 19.31
C GLU A 491 21.04 28.67 20.35
N GLU A 492 21.03 29.92 19.90
CA GLU A 492 21.11 31.08 20.79
C GLU A 492 19.85 31.16 21.64
N LEU A 493 18.70 31.06 20.98
CA LEU A 493 17.40 31.11 21.66
C LEU A 493 17.28 30.01 22.71
N LYS A 494 17.82 28.83 22.44
CA LYS A 494 17.84 27.75 23.41
C LYS A 494 18.67 28.09 24.64
N ARG A 495 19.82 28.73 24.45
CA ARG A 495 20.68 29.08 25.58
C ARG A 495 19.98 30.08 26.49
N ILE A 496 19.27 31.02 25.89
CA ILE A 496 18.46 31.98 26.62
C ILE A 496 17.19 31.38 27.25
N ASP A 497 16.58 30.40 26.59
CA ASP A 497 15.48 29.64 27.21
C ASP A 497 15.99 28.93 28.45
N ASP A 498 17.10 28.20 28.33
CA ASP A 498 17.68 27.44 29.44
C ASP A 498 18.03 28.32 30.64
N ALA A 499 18.41 29.57 30.38
CA ALA A 499 18.73 30.56 31.41
C ALA A 499 17.49 31.08 32.16
N MET A 500 16.41 31.36 31.44
CA MET A 500 15.15 31.79 32.09
C MET A 500 14.51 30.64 32.88
N LYS A 501 14.79 29.38 32.50
CA LYS A 501 14.31 28.20 33.24
C LYS A 501 15.08 27.96 34.53
N GLU A 502 16.28 28.53 34.64
CA GLU A 502 17.08 28.46 35.87
C GLU A 502 16.53 29.38 36.94
N LEU A 503 15.69 30.34 36.53
CA LEU A 503 14.95 31.21 37.46
C LEU A 503 13.61 30.58 37.93
N GLN A 504 13.38 29.28 37.70
CA GLN A 504 12.05 28.65 37.92
C GLN A 504 12.04 27.35 38.74
N LYS A 505 12.86 26.37 38.34
CA LYS A 505 12.89 25.04 39.00
C LYS A 505 12.93 25.20 40.50
N LYS A 506 12.22 24.32 41.21
CA LYS A 506 12.02 24.48 42.66
C LYS A 506 12.76 23.43 43.50
N PRO B 181 -28.62 -42.05 18.19
CA PRO B 181 -29.27 -41.66 16.93
C PRO B 181 -28.27 -41.27 15.83
N THR B 182 -28.76 -40.69 14.74
CA THR B 182 -27.92 -39.94 13.80
C THR B 182 -27.94 -38.48 14.28
N TYR B 183 -26.78 -37.82 14.20
CA TYR B 183 -26.63 -36.45 14.70
C TYR B 183 -26.72 -35.44 13.54
N PRO B 184 -27.12 -34.17 13.82
CA PRO B 184 -27.20 -33.19 12.74
C PRO B 184 -25.87 -33.01 12.00
N LYS B 185 -25.94 -32.38 10.82
CA LYS B 185 -24.79 -32.32 9.92
C LYS B 185 -23.61 -31.49 10.47
N TYR B 186 -23.91 -30.47 11.26
CA TYR B 186 -22.89 -29.57 11.81
C TYR B 186 -22.10 -30.11 13.02
N LEU B 187 -22.42 -31.34 13.44
CA LEU B 187 -21.57 -32.10 14.37
C LEU B 187 -20.78 -33.07 13.52
N LEU B 188 -19.46 -32.93 13.53
CA LEU B 188 -18.60 -33.67 12.61
C LEU B 188 -18.33 -35.07 13.13
N SER B 189 -18.54 -36.06 12.29
CA SER B 189 -18.17 -37.44 12.61
C SER B 189 -16.65 -37.54 12.81
N PRO B 190 -16.18 -38.46 13.67
CA PRO B 190 -14.74 -38.65 13.82
C PRO B 190 -13.98 -38.97 12.53
N GLU B 191 -14.68 -39.48 11.51
CA GLU B 191 -14.07 -39.80 10.21
C GLU B 191 -13.75 -38.51 9.47
N THR B 192 -14.72 -37.60 9.45
CA THR B 192 -14.55 -36.27 8.89
C THR B 192 -13.36 -35.53 9.54
N ILE B 193 -13.30 -35.57 10.87
CA ILE B 193 -12.20 -34.97 11.63
C ILE B 193 -10.83 -35.53 11.25
N GLU B 194 -10.79 -36.83 11.00
CA GLU B 194 -9.57 -37.49 10.54
C GLU B 194 -9.20 -37.08 9.10
N ALA B 195 -10.20 -37.00 8.21
CA ALA B 195 -9.96 -36.68 6.80
C ALA B 195 -9.60 -35.19 6.57
N LEU B 196 -10.12 -34.32 7.43
CA LEU B 196 -9.88 -32.88 7.36
C LEU B 196 -8.40 -32.51 7.45
N ARG B 197 -7.62 -33.37 8.11
CA ARG B 197 -6.16 -33.21 8.20
C ARG B 197 -5.40 -33.46 6.90
N LYS B 198 -6.04 -34.07 5.91
CA LYS B 198 -5.34 -34.47 4.69
C LYS B 198 -5.79 -33.60 3.51
N PRO B 199 -4.89 -33.38 2.54
CA PRO B 199 -5.23 -32.67 1.29
C PRO B 199 -6.14 -33.43 0.32
N THR B 200 -6.48 -34.66 0.65
CA THR B 200 -7.45 -35.45 -0.12
C THR B 200 -8.91 -35.12 0.22
N PHE B 201 -9.12 -34.32 1.25
CA PHE B 201 -10.47 -33.95 1.68
C PHE B 201 -11.35 -33.44 0.53
N ASP B 202 -12.55 -33.98 0.40
CA ASP B 202 -13.48 -33.57 -0.65
C ASP B 202 -14.24 -32.37 -0.16
N VAL B 203 -13.78 -31.21 -0.62
CA VAL B 203 -14.34 -29.94 -0.23
C VAL B 203 -15.75 -29.71 -0.77
N TRP B 204 -16.14 -30.46 -1.80
CA TRP B 204 -17.48 -30.31 -2.41
C TRP B 204 -18.62 -30.95 -1.61
N LEU B 205 -18.30 -31.92 -0.74
CA LEU B 205 -19.34 -32.65 0.01
C LEU B 205 -20.11 -31.81 1.02
N TRP B 206 -19.65 -30.59 1.31
CA TRP B 206 -20.14 -29.86 2.46
C TRP B 206 -20.81 -28.55 2.12
N GLU B 207 -21.76 -28.14 2.95
CA GLU B 207 -22.43 -26.89 2.81
C GLU B 207 -21.87 -25.90 3.82
N PRO B 208 -22.20 -24.61 3.65
CA PRO B 208 -21.57 -23.58 4.46
C PRO B 208 -21.44 -23.89 5.95
N ASN B 209 -22.53 -24.26 6.62
CA ASN B 209 -22.46 -24.57 8.07
C ASN B 209 -21.44 -25.66 8.40
N GLU B 210 -21.38 -26.67 7.56
CA GLU B 210 -20.46 -27.78 7.80
C GLU B 210 -19.02 -27.30 7.66
N MET B 211 -18.76 -26.54 6.60
CA MET B 211 -17.43 -25.96 6.37
C MET B 211 -17.06 -25.06 7.54
N LEU B 212 -18.03 -24.31 8.04
CA LEU B 212 -17.81 -23.44 9.20
C LEU B 212 -17.44 -24.20 10.47
N SER B 213 -18.09 -25.34 10.71
CA SER B 213 -17.74 -26.17 11.85
C SER B 213 -16.36 -26.79 11.65
N CYS B 214 -16.02 -27.11 10.42
CA CYS B 214 -14.66 -27.59 10.12
C CYS B 214 -13.63 -26.54 10.50
N LEU B 215 -13.87 -25.31 10.07
CA LEU B 215 -12.95 -24.23 10.39
C LEU B 215 -12.88 -24.03 11.90
N GLU B 216 -14.04 -24.06 12.54
CA GLU B 216 -14.11 -23.97 14.00
C GLU B 216 -13.24 -25.06 14.67
N HIS B 217 -13.42 -26.29 14.22
CA HIS B 217 -12.63 -27.40 14.75
C HIS B 217 -11.13 -27.13 14.61
N MET B 218 -10.74 -26.64 13.44
CA MET B 218 -9.34 -26.32 13.17
C MET B 218 -8.74 -25.44 14.25
N TYR B 219 -9.50 -24.46 14.74
CA TYR B 219 -8.93 -23.52 15.71
C TYR B 219 -8.81 -24.13 17.11
N HIS B 220 -9.76 -24.97 17.51
CA HIS B 220 -9.64 -25.74 18.76
C HIS B 220 -8.50 -26.74 18.65
N ASP B 221 -8.48 -27.48 17.54
CA ASP B 221 -7.52 -28.56 17.34
C ASP B 221 -6.05 -28.10 17.33
N LEU B 222 -5.80 -26.96 16.71
CA LEU B 222 -4.45 -26.42 16.62
C LEU B 222 -4.00 -25.73 17.91
N GLY B 223 -4.86 -25.73 18.93
CA GLY B 223 -4.54 -25.14 20.22
C GLY B 223 -4.62 -23.62 20.28
N LEU B 224 -5.23 -23.01 19.26
CA LEU B 224 -5.27 -21.54 19.17
C LEU B 224 -6.32 -20.94 20.12
N VAL B 225 -7.44 -21.65 20.25
CA VAL B 225 -8.49 -21.25 21.20
C VAL B 225 -7.90 -21.19 22.61
N ARG B 226 -7.20 -22.26 22.96
CA ARG B 226 -6.53 -22.37 24.23
C ARG B 226 -5.46 -21.31 24.39
N ASP B 227 -4.52 -21.24 23.45
CA ASP B 227 -3.33 -20.40 23.64
C ASP B 227 -3.57 -18.90 23.47
N PHE B 228 -4.70 -18.51 22.88
CA PHE B 228 -5.00 -17.10 22.74
C PHE B 228 -6.27 -16.67 23.45
N SER B 229 -6.80 -17.58 24.29
CA SER B 229 -8.03 -17.35 25.06
C SER B 229 -9.15 -16.82 24.19
N ILE B 230 -9.40 -17.50 23.08
CA ILE B 230 -10.45 -17.09 22.16
C ILE B 230 -11.78 -17.55 22.73
N ASN B 231 -12.69 -16.62 22.98
CA ASN B 231 -14.06 -16.98 23.34
C ASN B 231 -14.66 -17.83 22.21
N PRO B 232 -15.00 -19.09 22.51
CA PRO B 232 -15.56 -20.03 21.53
C PRO B 232 -16.78 -19.52 20.78
N VAL B 233 -17.60 -18.70 21.42
CA VAL B 233 -18.79 -18.16 20.76
C VAL B 233 -18.40 -17.05 19.77
N THR B 234 -17.47 -16.20 20.17
CA THR B 234 -16.89 -15.19 19.29
C THR B 234 -16.29 -15.86 18.06
N LEU B 235 -15.57 -16.97 18.28
CA LEU B 235 -15.01 -17.74 17.17
C LEU B 235 -16.09 -18.12 16.14
N ARG B 236 -17.22 -18.62 16.62
CA ARG B 236 -18.31 -19.02 15.74
C ARG B 236 -18.90 -17.84 15.01
N ARG B 237 -19.02 -16.71 15.71
CA ARG B 237 -19.65 -15.52 15.15
C ARG B 237 -18.73 -14.89 14.10
N TRP B 238 -17.44 -14.78 14.45
CA TRP B 238 -16.41 -14.34 13.50
C TRP B 238 -16.44 -15.14 12.20
N LEU B 239 -16.56 -16.46 12.31
CA LEU B 239 -16.63 -17.31 11.12
C LEU B 239 -17.88 -17.03 10.30
N PHE B 240 -19.01 -16.83 10.96
CA PHE B 240 -20.25 -16.53 10.24
C PHE B 240 -20.13 -15.18 9.54
N CYS B 241 -19.54 -14.22 10.25
CA CYS B 241 -19.35 -12.90 9.69
C CYS B 241 -18.36 -12.89 8.53
N VAL B 242 -17.34 -13.76 8.59
CA VAL B 242 -16.40 -13.91 7.48
C VAL B 242 -17.15 -14.45 6.29
N HIS B 243 -17.82 -15.57 6.49
CA HIS B 243 -18.69 -16.14 5.47
C HIS B 243 -19.60 -15.09 4.80
N ASP B 244 -20.23 -14.21 5.57
CA ASP B 244 -21.17 -13.23 5.04
C ASP B 244 -20.51 -12.24 4.07
N ASN B 245 -19.25 -11.92 4.35
CA ASN B 245 -18.47 -11.01 3.53
C ASN B 245 -17.70 -11.65 2.38
N TYR B 246 -17.92 -12.92 2.11
CA TYR B 246 -17.54 -13.48 0.82
C TYR B 246 -18.73 -13.39 -0.12
N ARG B 247 -18.47 -13.17 -1.40
CA ARG B 247 -19.50 -13.03 -2.41
C ARG B 247 -19.68 -14.31 -3.22
N ASN B 248 -20.82 -14.42 -3.91
CA ASN B 248 -21.14 -15.57 -4.76
C ASN B 248 -20.58 -15.41 -6.16
N ASN B 249 -19.25 -15.35 -6.24
CA ASN B 249 -18.53 -15.41 -7.50
C ASN B 249 -18.38 -16.87 -7.87
N PRO B 250 -18.18 -17.16 -9.17
CA PRO B 250 -17.97 -18.54 -9.55
C PRO B 250 -16.71 -19.17 -8.91
N PHE B 251 -15.62 -18.42 -8.82
CA PHE B 251 -14.39 -18.96 -8.23
C PHE B 251 -14.11 -18.40 -6.84
N HIS B 252 -13.97 -17.08 -6.75
CA HIS B 252 -13.52 -16.44 -5.51
C HIS B 252 -14.66 -16.27 -4.50
N ASN B 253 -15.00 -17.39 -3.87
CA ASN B 253 -16.17 -17.48 -3.00
C ASN B 253 -15.79 -18.12 -1.67
N PHE B 254 -16.79 -18.38 -0.82
CA PHE B 254 -16.49 -18.92 0.48
C PHE B 254 -15.80 -20.27 0.39
N ARG B 255 -16.21 -21.10 -0.57
CA ARG B 255 -15.62 -22.43 -0.70
C ARG B 255 -14.11 -22.38 -0.99
N HIS B 256 -13.71 -21.43 -1.84
CA HIS B 256 -12.28 -21.16 -2.11
C HIS B 256 -11.56 -20.84 -0.81
N CYS B 257 -12.11 -19.87 -0.10
CA CYS B 257 -11.61 -19.51 1.22
C CYS B 257 -11.43 -20.76 2.07
N PHE B 258 -12.42 -21.64 2.02
CA PHE B 258 -12.34 -22.89 2.75
C PHE B 258 -11.21 -23.79 2.26
N CYS B 259 -11.05 -23.91 0.95
CA CYS B 259 -9.97 -24.74 0.39
C CYS B 259 -8.60 -24.28 0.84
N VAL B 260 -8.40 -22.98 0.80
CA VAL B 260 -7.13 -22.40 1.16
C VAL B 260 -6.80 -22.67 2.62
N ALA B 261 -7.77 -22.47 3.51
CA ALA B 261 -7.56 -22.70 4.95
C ALA B 261 -7.38 -24.19 5.27
N GLN B 262 -8.11 -25.03 4.55
CA GLN B 262 -8.06 -26.46 4.78
C GLN B 262 -6.72 -27.00 4.31
N MET B 263 -6.21 -26.46 3.21
CA MET B 263 -4.91 -26.84 2.72
C MET B 263 -3.83 -26.38 3.69
N MET B 264 -4.00 -25.19 4.26
CA MET B 264 -3.07 -24.69 5.26
C MET B 264 -3.02 -25.64 6.45
N TYR B 265 -4.20 -26.02 6.93
CA TYR B 265 -4.35 -27.02 7.99
C TYR B 265 -3.64 -28.33 7.62
N SER B 266 -3.87 -28.82 6.41
CA SER B 266 -3.20 -30.03 5.91
C SER B 266 -1.69 -29.92 5.96
N MET B 267 -1.16 -28.77 5.60
CA MET B 267 0.27 -28.59 5.56
C MET B 267 0.88 -28.43 6.95
N VAL B 268 0.09 -27.89 7.89
CA VAL B 268 0.53 -27.85 9.27
C VAL B 268 0.86 -29.26 9.77
N TRP B 269 0.02 -30.24 9.44
CA TRP B 269 0.25 -31.62 9.86
C TRP B 269 1.28 -32.33 8.98
N LEU B 270 1.11 -32.24 7.67
CA LEU B 270 2.06 -32.84 6.74
C LEU B 270 3.52 -32.42 7.04
N CYS B 271 3.75 -31.13 7.21
CA CYS B 271 5.10 -30.60 7.40
C CYS B 271 5.48 -30.37 8.86
N SER B 272 4.62 -30.79 9.79
CA SER B 272 4.87 -30.63 11.24
C SER B 272 5.25 -29.20 11.59
N LEU B 273 4.45 -28.28 11.08
CA LEU B 273 4.77 -26.87 11.20
C LEU B 273 4.80 -26.37 12.63
N GLN B 274 4.15 -27.08 13.55
CA GLN B 274 4.15 -26.68 14.96
C GLN B 274 5.52 -26.87 15.62
N GLU B 275 6.37 -27.70 15.02
CA GLU B 275 7.76 -27.82 15.45
C GLU B 275 8.64 -26.63 15.02
N LYS B 276 8.28 -25.95 13.94
CA LYS B 276 9.10 -24.83 13.42
C LYS B 276 8.53 -23.44 13.74
N PHE B 277 7.22 -23.36 13.94
CA PHE B 277 6.55 -22.08 14.06
C PHE B 277 5.94 -21.88 15.44
N SER B 278 5.99 -20.65 15.93
CA SER B 278 5.28 -20.29 17.14
C SER B 278 3.78 -20.43 16.91
N GLN B 279 3.01 -20.45 17.98
CA GLN B 279 1.57 -20.55 17.88
C GLN B 279 0.98 -19.26 17.30
N THR B 280 1.66 -18.15 17.51
CA THR B 280 1.26 -16.88 16.91
C THR B 280 1.38 -16.96 15.38
N ASP B 281 2.45 -17.58 14.90
CA ASP B 281 2.65 -17.77 13.46
C ASP B 281 1.58 -18.68 12.82
N ILE B 282 1.19 -19.73 13.53
CA ILE B 282 0.13 -20.63 13.05
C ILE B 282 -1.20 -19.86 12.96
N LEU B 283 -1.41 -18.99 13.92
CA LEU B 283 -2.61 -18.17 13.96
C LEU B 283 -2.61 -17.20 12.78
N ILE B 284 -1.44 -16.63 12.51
CA ILE B 284 -1.28 -15.73 11.37
C ILE B 284 -1.56 -16.47 10.06
N LEU B 285 -0.98 -17.66 9.92
CA LEU B 285 -1.17 -18.43 8.69
C LEU B 285 -2.64 -18.77 8.47
N MET B 286 -3.28 -19.27 9.52
CA MET B 286 -4.65 -19.75 9.42
C MET B 286 -5.63 -18.62 9.20
N THR B 287 -5.48 -17.58 10.00
CA THR B 287 -6.40 -16.46 9.92
C THR B 287 -6.23 -15.75 8.58
N ALA B 288 -4.98 -15.54 8.17
CA ALA B 288 -4.71 -14.93 6.87
C ALA B 288 -5.33 -15.74 5.76
N ALA B 289 -5.23 -17.06 5.86
CA ALA B 289 -5.79 -17.96 4.83
C ALA B 289 -7.29 -17.79 4.69
N ILE B 290 -7.98 -17.76 5.82
CA ILE B 290 -9.42 -17.60 5.84
C ILE B 290 -9.85 -16.24 5.30
N CYS B 291 -9.04 -15.22 5.56
CA CYS B 291 -9.42 -13.85 5.25
C CYS B 291 -8.91 -13.32 3.91
N HIS B 292 -8.04 -14.09 3.25
CA HIS B 292 -7.23 -13.53 2.16
C HIS B 292 -8.01 -13.05 0.92
N ASP B 293 -9.28 -13.43 0.75
CA ASP B 293 -10.06 -12.99 -0.43
C ASP B 293 -11.40 -12.33 -0.09
N LEU B 294 -11.50 -11.72 1.10
CA LEU B 294 -12.77 -11.16 1.56
C LEU B 294 -13.32 -10.13 0.60
N ASP B 295 -14.60 -10.26 0.27
CA ASP B 295 -15.31 -9.29 -0.56
C ASP B 295 -14.64 -9.09 -1.92
N HIS B 296 -14.11 -10.18 -2.46
CA HIS B 296 -13.55 -10.16 -3.81
C HIS B 296 -14.70 -9.89 -4.77
N PRO B 297 -14.55 -8.91 -5.66
CA PRO B 297 -15.64 -8.54 -6.58
C PRO B 297 -15.79 -9.41 -7.83
N GLY B 298 -14.80 -10.25 -8.12
CA GLY B 298 -14.85 -11.21 -9.21
C GLY B 298 -14.17 -10.69 -10.47
N TYR B 299 -13.37 -9.64 -10.30
CA TYR B 299 -12.63 -9.01 -11.39
C TYR B 299 -11.26 -8.64 -10.85
N ASN B 300 -10.21 -9.12 -11.50
CA ASN B 300 -8.86 -9.01 -10.94
C ASN B 300 -8.26 -7.58 -10.95
N ASN B 301 -7.06 -7.44 -10.39
CA ASN B 301 -6.42 -6.14 -10.24
C ASN B 301 -6.24 -5.42 -11.55
N THR B 302 -5.95 -6.16 -12.61
CA THR B 302 -5.76 -5.57 -13.93
C THR B 302 -7.05 -4.88 -14.38
N TYR B 303 -8.19 -5.47 -14.08
CA TYR B 303 -9.46 -4.83 -14.40
C TYR B 303 -9.66 -3.59 -13.54
N GLN B 304 -9.42 -3.71 -12.24
CA GLN B 304 -9.60 -2.57 -11.33
C GLN B 304 -8.80 -1.36 -11.80
N ILE B 305 -7.59 -1.63 -12.26
CA ILE B 305 -6.67 -0.59 -12.64
C ILE B 305 -7.00 -0.03 -14.00
N ASN B 306 -7.28 -0.91 -14.96
CA ASN B 306 -7.57 -0.47 -16.33
C ASN B 306 -8.89 0.30 -16.43
N ALA B 307 -9.89 -0.15 -15.67
CA ALA B 307 -11.20 0.50 -15.65
C ALA B 307 -11.28 1.64 -14.64
N ARG B 308 -10.18 1.89 -13.92
CA ARG B 308 -10.11 2.95 -12.92
C ARG B 308 -11.27 2.91 -11.93
N THR B 309 -11.46 1.74 -11.33
CA THR B 309 -12.50 1.56 -10.33
C THR B 309 -12.21 2.33 -9.04
N GLU B 310 -13.25 2.49 -8.23
CA GLU B 310 -13.13 3.10 -6.92
C GLU B 310 -11.99 2.48 -6.11
N LEU B 311 -11.84 1.15 -6.19
CA LEU B 311 -10.76 0.44 -5.50
C LEU B 311 -9.36 0.83 -5.99
N ALA B 312 -9.18 0.90 -7.31
CA ALA B 312 -7.90 1.29 -7.87
C ALA B 312 -7.53 2.71 -7.44
N VAL B 313 -8.53 3.58 -7.42
CA VAL B 313 -8.32 4.96 -7.04
C VAL B 313 -7.99 5.02 -5.56
N ARG B 314 -8.73 4.26 -4.76
CA ARG B 314 -8.50 4.24 -3.34
C ARG B 314 -7.11 3.70 -2.98
N TYR B 315 -6.63 2.71 -3.72
CA TYR B 315 -5.36 2.08 -3.39
C TYR B 315 -4.21 2.49 -4.30
N ASN B 316 -4.44 3.50 -5.13
CA ASN B 316 -3.43 4.06 -6.01
C ASN B 316 -2.72 3.01 -6.87
N ASP B 317 -3.50 2.10 -7.44
CA ASP B 317 -2.99 1.03 -8.29
C ASP B 317 -2.13 -0.02 -7.57
N ILE B 318 -1.89 0.13 -6.28
CA ILE B 318 -1.04 -0.80 -5.55
C ILE B 318 -1.88 -1.91 -4.95
N SER B 319 -1.75 -3.12 -5.51
CA SER B 319 -2.50 -4.30 -5.11
C SER B 319 -3.88 -3.98 -4.54
N PRO B 320 -4.74 -3.35 -5.34
CA PRO B 320 -6.02 -2.88 -4.78
C PRO B 320 -6.88 -3.96 -4.14
N LEU B 321 -7.08 -5.09 -4.82
CA LEU B 321 -7.92 -6.15 -4.26
C LEU B 321 -7.39 -6.66 -2.91
N GLU B 322 -6.09 -6.95 -2.85
CA GLU B 322 -5.48 -7.54 -1.67
C GLU B 322 -5.46 -6.56 -0.50
N ASN B 323 -5.22 -5.28 -0.78
CA ASN B 323 -5.38 -4.27 0.27
C ASN B 323 -6.80 -4.27 0.81
N HIS B 324 -7.79 -4.37 -0.07
CA HIS B 324 -9.20 -4.38 0.32
C HIS B 324 -9.58 -5.62 1.14
N HIS B 325 -9.02 -6.77 0.75
CA HIS B 325 -9.29 -8.01 1.47
C HIS B 325 -8.85 -7.86 2.91
N CYS B 326 -7.70 -7.24 3.05
CA CYS B 326 -7.04 -7.11 4.33
C CYS B 326 -7.76 -6.07 5.20
N ALA B 327 -8.29 -5.04 4.57
CA ALA B 327 -9.04 -4.02 5.30
C ALA B 327 -10.37 -4.57 5.81
N VAL B 328 -11.10 -5.26 4.95
CA VAL B 328 -12.35 -5.88 5.36
C VAL B 328 -12.10 -6.83 6.54
N ALA B 329 -11.00 -7.58 6.49
CA ALA B 329 -10.67 -8.55 7.54
C ALA B 329 -10.54 -7.88 8.90
N PHE B 330 -9.92 -6.70 8.91
CA PHE B 330 -9.72 -5.95 10.16
C PHE B 330 -10.89 -5.06 10.55
N GLN B 331 -11.75 -4.72 9.59
CA GLN B 331 -13.06 -4.11 9.91
C GLN B 331 -13.87 -5.11 10.70
N ILE B 332 -13.88 -6.35 10.22
CA ILE B 332 -14.58 -7.43 10.86
C ILE B 332 -14.07 -7.63 12.29
N LEU B 333 -12.75 -7.72 12.44
CA LEU B 333 -12.14 -7.94 13.76
C LEU B 333 -12.25 -6.75 14.71
N ALA B 334 -12.72 -5.61 14.21
CA ALA B 334 -12.92 -4.44 15.07
C ALA B 334 -14.36 -4.36 15.55
N GLU B 335 -15.24 -5.15 14.99
CA GLU B 335 -16.55 -5.35 15.60
C GLU B 335 -16.34 -6.26 16.82
N PRO B 336 -16.68 -5.78 18.03
CA PRO B 336 -16.31 -6.53 19.25
C PRO B 336 -16.86 -7.96 19.31
N GLU B 337 -18.05 -8.17 18.73
CA GLU B 337 -18.68 -9.48 18.74
C GLU B 337 -18.04 -10.46 17.75
N CYS B 338 -17.27 -9.95 16.79
CA CYS B 338 -16.55 -10.81 15.85
C CYS B 338 -15.06 -10.88 16.19
N ASN B 339 -14.62 -10.16 17.22
CA ASN B 339 -13.19 -10.04 17.47
C ASN B 339 -12.62 -11.21 18.26
N ILE B 340 -12.24 -12.25 17.53
CA ILE B 340 -11.49 -13.38 18.11
C ILE B 340 -10.18 -13.02 18.81
N PHE B 341 -9.67 -11.81 18.62
CA PHE B 341 -8.41 -11.45 19.27
C PHE B 341 -8.64 -10.61 20.52
N SER B 342 -9.89 -10.51 20.98
CA SER B 342 -10.23 -9.62 22.10
C SER B 342 -9.42 -9.86 23.39
N ASN B 343 -8.99 -11.09 23.63
CA ASN B 343 -8.19 -11.37 24.83
C ASN B 343 -6.68 -11.45 24.60
N ILE B 344 -6.21 -10.90 23.50
CA ILE B 344 -4.79 -10.88 23.20
C ILE B 344 -4.21 -9.51 23.59
N PRO B 345 -3.07 -9.48 24.30
CA PRO B 345 -2.47 -8.18 24.62
C PRO B 345 -2.13 -7.35 23.36
N PRO B 346 -2.15 -6.02 23.44
CA PRO B 346 -1.88 -5.17 22.27
C PRO B 346 -0.55 -5.44 21.54
N ASP B 347 0.47 -5.94 22.24
CA ASP B 347 1.73 -6.32 21.58
C ASP B 347 1.54 -7.49 20.62
N GLY B 348 0.71 -8.44 21.01
CA GLY B 348 0.38 -9.58 20.16
C GLY B 348 -0.51 -9.22 18.99
N PHE B 349 -1.50 -8.37 19.24
CA PHE B 349 -2.37 -7.91 18.16
C PHE B 349 -1.54 -7.26 17.06
N LYS B 350 -0.63 -6.36 17.44
CA LYS B 350 0.22 -5.67 16.49
C LYS B 350 1.07 -6.64 15.68
N GLN B 351 1.65 -7.64 16.34
CA GLN B 351 2.46 -8.65 15.65
C GLN B 351 1.61 -9.51 14.71
N ILE B 352 0.39 -9.86 15.14
CA ILE B 352 -0.52 -10.66 14.32
C ILE B 352 -1.01 -9.83 13.13
N ARG B 353 -1.37 -8.58 13.39
CA ARG B 353 -1.88 -7.71 12.33
C ARG B 353 -0.88 -7.59 11.21
N GLN B 354 0.34 -7.26 11.57
CA GLN B 354 1.38 -7.04 10.58
C GLN B 354 1.69 -8.33 9.84
N GLY B 355 1.60 -9.46 10.54
CA GLY B 355 1.80 -10.75 9.92
C GLY B 355 0.75 -11.03 8.86
N MET B 356 -0.53 -10.80 9.20
CA MET B 356 -1.62 -11.09 8.28
C MET B 356 -1.55 -10.21 7.04
N ILE B 357 -1.19 -8.94 7.24
CA ILE B 357 -1.08 -7.97 6.15
C ILE B 357 -0.03 -8.42 5.15
N THR B 358 1.16 -8.73 5.66
CA THR B 358 2.23 -9.22 4.80
C THR B 358 1.73 -10.42 3.99
N LEU B 359 1.06 -11.36 4.65
CA LEU B 359 0.68 -12.61 4.01
C LEU B 359 -0.44 -12.41 3.01
N ILE B 360 -1.42 -11.60 3.36
CA ILE B 360 -2.53 -11.35 2.45
C ILE B 360 -2.07 -10.57 1.23
N LEU B 361 -1.23 -9.55 1.44
CA LEU B 361 -0.65 -8.81 0.33
C LEU B 361 0.26 -9.68 -0.53
N ALA B 362 0.85 -10.73 0.04
CA ALA B 362 1.71 -11.65 -0.73
C ALA B 362 0.95 -12.54 -1.72
N THR B 363 -0.37 -12.67 -1.57
CA THR B 363 -1.14 -13.48 -2.49
C THR B 363 -1.44 -12.80 -3.82
N ASP B 364 -1.08 -11.52 -3.97
CA ASP B 364 -1.26 -10.83 -5.24
C ASP B 364 -0.29 -11.44 -6.24
N MET B 365 -0.82 -12.16 -7.22
CA MET B 365 0.03 -12.91 -8.15
C MET B 365 0.96 -12.06 -9.00
N ALA B 366 0.66 -10.78 -9.16
CA ALA B 366 1.60 -9.84 -9.76
C ALA B 366 3.00 -9.96 -9.13
N ARG B 367 3.06 -10.33 -7.86
CA ARG B 367 4.30 -10.40 -7.10
C ARG B 367 4.89 -11.81 -7.02
N HIS B 368 4.37 -12.74 -7.83
CA HIS B 368 4.79 -14.12 -7.71
C HIS B 368 6.28 -14.28 -7.90
N ALA B 369 6.79 -13.77 -9.02
CA ALA B 369 8.20 -13.99 -9.36
C ALA B 369 9.14 -13.35 -8.33
N GLU B 370 8.88 -12.09 -7.98
CA GLU B 370 9.64 -11.36 -6.95
C GLU B 370 9.80 -12.21 -5.69
N ILE B 371 8.66 -12.66 -5.16
CA ILE B 371 8.63 -13.42 -3.92
C ILE B 371 9.37 -14.75 -4.03
N MET B 372 9.14 -15.47 -5.11
CA MET B 372 9.85 -16.71 -5.37
C MET B 372 11.36 -16.51 -5.44
N ASP B 373 11.79 -15.43 -6.10
CA ASP B 373 13.21 -15.10 -6.15
C ASP B 373 13.78 -14.84 -4.77
N SER B 374 13.12 -13.99 -3.99
CA SER B 374 13.55 -13.68 -2.62
C SER B 374 13.62 -14.96 -1.81
N PHE B 375 12.65 -15.84 -2.00
CA PHE B 375 12.62 -17.09 -1.27
C PHE B 375 13.77 -18.00 -1.66
N LYS B 376 14.01 -18.14 -2.97
CA LYS B 376 15.14 -18.97 -3.47
C LYS B 376 16.52 -18.45 -3.02
N GLU B 377 16.63 -17.13 -2.87
CA GLU B 377 17.84 -16.52 -2.36
C GLU B 377 18.14 -16.99 -0.93
N LYS B 378 17.11 -17.06 -0.09
CA LYS B 378 17.30 -17.50 1.29
C LYS B 378 17.53 -18.99 1.37
N MET B 379 16.99 -19.73 0.40
CA MET B 379 17.07 -21.19 0.42
C MET B 379 18.48 -21.74 0.22
N GLU B 380 19.37 -20.91 -0.32
CA GLU B 380 20.79 -21.25 -0.38
C GLU B 380 21.35 -21.61 0.99
N ASN B 381 20.96 -20.85 2.01
CA ASN B 381 21.37 -21.13 3.38
C ASN B 381 20.23 -20.85 4.36
N PHE B 382 19.15 -21.62 4.24
CA PHE B 382 17.94 -21.34 5.02
C PHE B 382 18.16 -21.50 6.52
N ASP B 383 17.55 -20.61 7.30
CA ASP B 383 17.87 -20.43 8.70
C ASP B 383 16.55 -20.20 9.47
N TYR B 384 16.03 -21.26 10.09
CA TYR B 384 14.75 -21.21 10.78
C TYR B 384 14.66 -20.20 11.94
N SER B 385 15.80 -19.70 12.42
CA SER B 385 15.78 -18.68 13.48
C SER B 385 15.83 -17.27 12.90
N ASN B 386 16.08 -17.15 11.61
CA ASN B 386 16.10 -15.85 10.94
C ASN B 386 14.68 -15.37 10.58
N GLU B 387 14.28 -14.24 11.14
CA GLU B 387 12.88 -13.78 11.02
C GLU B 387 12.47 -13.44 9.59
N GLU B 388 13.41 -12.93 8.78
CA GLU B 388 13.16 -12.63 7.38
C GLU B 388 12.99 -13.90 6.55
N HIS B 389 13.74 -14.93 6.91
CA HIS B 389 13.64 -16.21 6.24
C HIS B 389 12.24 -16.81 6.46
N MET B 390 11.75 -16.67 7.69
CA MET B 390 10.47 -17.22 8.09
C MET B 390 9.30 -16.46 7.47
N THR B 391 9.41 -15.15 7.41
CA THR B 391 8.39 -14.32 6.78
C THR B 391 8.15 -14.79 5.35
N LEU B 392 9.24 -15.02 4.62
CA LEU B 392 9.15 -15.49 3.24
C LEU B 392 8.56 -16.88 3.16
N LEU B 393 8.99 -17.77 4.05
CA LEU B 393 8.42 -19.10 4.09
C LEU B 393 6.89 -19.05 4.30
N LYS B 394 6.44 -18.15 5.18
CA LYS B 394 5.01 -18.03 5.43
C LYS B 394 4.31 -17.46 4.20
N MET B 395 4.97 -16.54 3.50
CA MET B 395 4.43 -15.95 2.28
C MET B 395 4.29 -17.01 1.20
N ILE B 396 5.27 -17.90 1.15
CA ILE B 396 5.25 -19.02 0.21
C ILE B 396 4.18 -20.04 0.60
N LEU B 397 4.03 -20.29 1.89
CA LEU B 397 3.04 -21.25 2.31
C LEU B 397 1.62 -20.81 1.96
N ILE B 398 1.29 -19.56 2.26
CA ILE B 398 -0.06 -19.09 1.96
C ILE B 398 -0.27 -19.05 0.44
N LYS B 399 0.74 -18.62 -0.29
CA LYS B 399 0.67 -18.66 -1.75
C LYS B 399 0.42 -20.08 -2.28
N CYS B 400 1.12 -21.06 -1.70
CA CYS B 400 0.91 -22.46 -2.05
C CYS B 400 -0.55 -22.85 -1.88
N CYS B 401 -1.09 -22.54 -0.70
CA CYS B 401 -2.46 -22.93 -0.40
C CYS B 401 -3.44 -22.21 -1.33
N ASP B 402 -3.17 -20.94 -1.62
CA ASP B 402 -4.08 -20.14 -2.43
C ASP B 402 -4.36 -20.76 -3.80
N ILE B 403 -3.35 -21.36 -4.41
CA ILE B 403 -3.44 -21.86 -5.79
C ILE B 403 -3.29 -23.38 -5.87
N SER B 404 -3.53 -24.05 -4.75
CA SER B 404 -3.28 -25.48 -4.61
C SER B 404 -4.39 -26.40 -5.12
N ASN B 405 -5.33 -25.90 -5.92
CA ASN B 405 -6.42 -26.77 -6.37
C ASN B 405 -5.93 -28.05 -7.06
N GLU B 406 -4.96 -27.93 -7.95
CA GLU B 406 -4.47 -29.07 -8.73
C GLU B 406 -3.69 -30.12 -7.93
N VAL B 407 -3.33 -29.77 -6.69
CA VAL B 407 -2.74 -30.71 -5.73
C VAL B 407 -3.76 -31.74 -5.27
N ARG B 408 -5.02 -31.32 -5.23
CA ARG B 408 -6.10 -32.16 -4.75
C ARG B 408 -6.41 -33.25 -5.77
N PRO B 409 -7.05 -34.34 -5.30
CA PRO B 409 -7.41 -35.44 -6.19
C PRO B 409 -8.19 -34.96 -7.43
N MET B 410 -7.95 -35.63 -8.56
CA MET B 410 -8.52 -35.24 -9.84
C MET B 410 -10.01 -34.91 -9.74
N GLU B 411 -10.77 -35.74 -9.05
CA GLU B 411 -12.22 -35.56 -8.96
C GLU B 411 -12.57 -34.25 -8.25
N VAL B 412 -11.79 -33.91 -7.22
CA VAL B 412 -11.99 -32.69 -6.43
C VAL B 412 -11.48 -31.44 -7.16
N ALA B 413 -10.40 -31.58 -7.94
CA ALA B 413 -9.77 -30.45 -8.61
C ALA B 413 -10.47 -29.98 -9.88
N GLU B 414 -11.04 -30.90 -10.67
CA GLU B 414 -11.61 -30.54 -11.98
C GLU B 414 -12.71 -29.48 -11.98
N PRO B 415 -13.74 -29.62 -11.10
CA PRO B 415 -14.84 -28.64 -11.10
C PRO B 415 -14.36 -27.22 -10.80
N TRP B 416 -13.26 -27.10 -10.06
CA TRP B 416 -12.63 -25.79 -9.79
C TRP B 416 -12.16 -25.09 -11.05
N VAL B 417 -11.75 -25.87 -12.05
CA VAL B 417 -11.36 -25.29 -13.33
C VAL B 417 -12.55 -24.68 -14.05
N ASP B 418 -13.72 -25.31 -13.96
CA ASP B 418 -14.93 -24.73 -14.59
C ASP B 418 -15.28 -23.42 -13.91
N CYS B 419 -15.13 -23.40 -12.59
CA CYS B 419 -15.39 -22.21 -11.78
C CYS B 419 -14.43 -21.09 -12.15
N LEU B 420 -13.16 -21.44 -12.28
CA LEU B 420 -12.14 -20.48 -12.67
C LEU B 420 -12.52 -19.83 -14.00
N LEU B 421 -12.75 -20.66 -15.01
CA LEU B 421 -13.01 -20.14 -16.34
C LEU B 421 -14.32 -19.35 -16.37
N GLU B 422 -15.34 -19.84 -15.67
CA GLU B 422 -16.59 -19.12 -15.64
C GLU B 422 -16.34 -17.69 -15.13
N GLU B 423 -15.63 -17.54 -14.02
CA GLU B 423 -15.37 -16.21 -13.46
C GLU B 423 -14.49 -15.35 -14.37
N TYR B 424 -13.41 -15.93 -14.87
CA TYR B 424 -12.49 -15.19 -15.73
C TYR B 424 -13.09 -14.83 -17.09
N PHE B 425 -13.89 -15.71 -17.68
CA PHE B 425 -14.56 -15.36 -18.96
C PHE B 425 -15.55 -14.20 -18.76
N MET B 426 -16.19 -14.17 -17.60
CA MET B 426 -17.07 -13.07 -17.23
C MET B 426 -16.31 -11.73 -17.29
N GLN B 427 -15.06 -11.73 -16.85
CA GLN B 427 -14.23 -10.52 -16.87
C GLN B 427 -13.81 -10.11 -18.28
N SER B 428 -13.33 -11.05 -19.08
CA SER B 428 -12.88 -10.71 -20.44
C SER B 428 -14.03 -10.28 -21.36
N ASP B 429 -15.20 -10.89 -21.20
CA ASP B 429 -16.41 -10.44 -21.90
C ASP B 429 -16.68 -8.97 -21.61
N ARG B 430 -16.59 -8.61 -20.34
CA ARG B 430 -16.83 -7.24 -19.91
C ARG B 430 -15.75 -6.29 -20.46
N GLU B 431 -14.50 -6.72 -20.41
CA GLU B 431 -13.40 -5.93 -20.98
C GLU B 431 -13.63 -5.65 -22.47
N LYS B 432 -14.07 -6.67 -23.20
CA LYS B 432 -14.43 -6.53 -24.62
C LYS B 432 -15.55 -5.51 -24.76
N SER B 433 -16.59 -5.71 -23.98
CA SER B 433 -17.77 -4.85 -23.99
C SER B 433 -17.49 -3.37 -23.65
N GLU B 434 -16.58 -3.11 -22.71
CA GLU B 434 -16.21 -1.73 -22.33
C GLU B 434 -14.97 -1.20 -23.10
N GLY B 435 -14.44 -1.98 -24.02
CA GLY B 435 -13.29 -1.55 -24.82
C GLY B 435 -11.98 -1.50 -24.06
N LEU B 436 -11.81 -2.38 -23.08
CA LEU B 436 -10.57 -2.45 -22.30
C LEU B 436 -9.70 -3.57 -22.82
N PRO B 437 -8.38 -3.49 -22.55
CA PRO B 437 -7.48 -4.55 -23.02
C PRO B 437 -7.86 -5.94 -22.49
N VAL B 438 -7.70 -6.94 -23.36
CA VAL B 438 -8.12 -8.31 -23.09
C VAL B 438 -6.88 -9.19 -23.16
N ALA B 439 -6.68 -10.01 -22.14
CA ALA B 439 -5.53 -10.89 -22.08
C ALA B 439 -5.85 -12.24 -22.75
N PRO B 440 -5.01 -12.69 -23.69
CA PRO B 440 -5.30 -13.94 -24.41
C PRO B 440 -5.61 -15.13 -23.51
N PHE B 441 -4.94 -15.24 -22.36
CA PHE B 441 -5.08 -16.40 -21.50
C PHE B 441 -6.44 -16.46 -20.81
N MET B 442 -7.24 -15.40 -20.93
CA MET B 442 -8.58 -15.36 -20.35
C MET B 442 -9.70 -15.19 -21.36
N ASP B 443 -9.34 -15.19 -22.65
CA ASP B 443 -10.31 -14.96 -23.73
C ASP B 443 -11.15 -16.22 -23.88
N ARG B 444 -12.47 -16.10 -23.81
CA ARG B 444 -13.33 -17.30 -23.89
C ARG B 444 -13.29 -17.98 -25.28
N ASP B 445 -12.97 -17.23 -26.33
CA ASP B 445 -12.79 -17.80 -27.67
C ASP B 445 -11.51 -18.62 -27.84
N LYS B 446 -10.50 -18.39 -26.99
CA LYS B 446 -9.16 -19.00 -27.18
C LYS B 446 -8.76 -20.08 -26.19
N VAL B 447 -9.47 -20.20 -25.07
CA VAL B 447 -8.98 -20.99 -23.94
C VAL B 447 -9.74 -22.32 -23.82
N THR B 448 -8.99 -23.39 -23.57
CA THR B 448 -9.57 -24.69 -23.22
C THR B 448 -9.24 -24.98 -21.77
N LYS B 449 -9.92 -25.96 -21.18
CA LYS B 449 -9.59 -26.37 -19.82
C LYS B 449 -8.11 -26.78 -19.74
N ALA B 450 -7.60 -27.39 -20.81
CA ALA B 450 -6.23 -27.87 -20.85
C ALA B 450 -5.20 -26.75 -20.92
N THR B 451 -5.39 -25.80 -21.82
CA THR B 451 -4.41 -24.71 -22.00
C THR B 451 -4.40 -23.75 -20.80
N ALA B 452 -5.54 -23.66 -20.11
CA ALA B 452 -5.63 -22.95 -18.84
C ALA B 452 -4.64 -23.48 -17.83
N GLN B 453 -4.53 -24.82 -17.75
CA GLN B 453 -3.79 -25.47 -16.67
C GLN B 453 -2.35 -25.87 -16.92
N ILE B 454 -2.01 -26.29 -18.15
CA ILE B 454 -0.72 -26.92 -18.38
C ILE B 454 0.44 -26.02 -17.96
N GLY B 455 0.55 -24.87 -18.62
CA GLY B 455 1.61 -23.91 -18.32
C GLY B 455 1.65 -23.54 -16.85
N PHE B 456 0.47 -23.27 -16.29
CA PHE B 456 0.34 -22.90 -14.89
C PHE B 456 0.90 -23.98 -13.98
N ILE B 457 0.59 -25.24 -14.28
CA ILE B 457 1.07 -26.35 -13.47
C ILE B 457 2.58 -26.53 -13.60
N LYS B 458 3.06 -26.57 -14.84
CA LYS B 458 4.46 -26.84 -15.12
C LYS B 458 5.39 -25.76 -14.61
N PHE B 459 4.99 -24.51 -14.80
CA PHE B 459 5.88 -23.38 -14.57
C PHE B 459 5.57 -22.49 -13.38
N VAL B 460 4.39 -22.62 -12.79
CA VAL B 460 4.09 -21.90 -11.57
C VAL B 460 4.01 -22.86 -10.40
N LEU B 461 3.12 -23.85 -10.47
CA LEU B 461 2.88 -24.75 -9.34
C LEU B 461 4.06 -25.68 -9.01
N ILE B 462 4.52 -26.43 -10.01
CA ILE B 462 5.58 -27.39 -9.79
C ILE B 462 6.85 -26.76 -9.19
N PRO B 463 7.39 -25.70 -9.82
CA PRO B 463 8.60 -25.05 -9.26
C PRO B 463 8.45 -24.58 -7.81
N MET B 464 7.29 -24.01 -7.51
CA MET B 464 7.00 -23.55 -6.15
C MET B 464 7.02 -24.70 -5.15
N PHE B 465 6.32 -25.80 -5.45
CA PHE B 465 6.32 -26.94 -4.54
C PHE B 465 7.68 -27.65 -4.46
N GLU B 466 8.37 -27.77 -5.58
CA GLU B 466 9.76 -28.27 -5.59
C GLU B 466 10.65 -27.56 -4.56
N THR B 467 10.56 -26.24 -4.51
CA THR B 467 11.36 -25.43 -3.59
C THR B 467 10.96 -25.70 -2.15
N VAL B 468 9.66 -25.81 -1.90
CA VAL B 468 9.16 -26.11 -0.57
C VAL B 468 9.61 -27.51 -0.12
N THR B 469 9.63 -28.45 -1.08
CA THR B 469 10.05 -29.83 -0.81
C THR B 469 11.49 -29.94 -0.27
N LYS B 470 12.35 -28.99 -0.63
CA LYS B 470 13.72 -28.98 -0.10
C LYS B 470 13.75 -28.80 1.41
N LEU B 471 12.79 -28.06 1.95
CA LEU B 471 12.64 -27.94 3.41
C LEU B 471 11.78 -29.04 3.98
N PHE B 472 10.82 -29.52 3.20
CA PHE B 472 9.84 -30.50 3.66
C PHE B 472 9.71 -31.62 2.64
N PRO B 473 10.65 -32.58 2.65
CA PRO B 473 10.72 -33.66 1.64
C PRO B 473 9.43 -34.47 1.50
N MET B 474 8.69 -34.61 2.60
CA MET B 474 7.40 -35.31 2.59
C MET B 474 6.37 -34.73 1.61
N VAL B 475 6.57 -33.46 1.22
CA VAL B 475 5.70 -32.77 0.25
C VAL B 475 5.75 -33.37 -1.16
N GLU B 476 6.89 -33.97 -1.54
CA GLU B 476 7.03 -34.57 -2.85
C GLU B 476 5.98 -35.65 -3.10
N GLU B 477 5.86 -36.58 -2.16
CA GLU B 477 4.94 -37.69 -2.30
C GLU B 477 3.48 -37.21 -2.28
N ILE B 478 3.19 -36.27 -1.38
CA ILE B 478 1.80 -35.85 -1.13
C ILE B 478 1.30 -34.73 -2.06
N MET B 479 2.19 -33.90 -2.59
CA MET B 479 1.75 -32.75 -3.37
C MET B 479 2.38 -32.57 -4.75
N LEU B 480 3.61 -33.02 -4.96
CA LEU B 480 4.17 -32.99 -6.29
C LEU B 480 3.64 -34.13 -7.15
N GLN B 481 3.49 -35.29 -6.52
CA GLN B 481 2.95 -36.48 -7.18
C GLN B 481 1.64 -36.17 -7.93
N PRO B 482 0.61 -35.63 -7.24
CA PRO B 482 -0.64 -35.32 -7.95
C PRO B 482 -0.51 -34.19 -8.98
N LEU B 483 0.42 -33.26 -8.74
CA LEU B 483 0.69 -32.21 -9.72
C LEU B 483 1.28 -32.78 -11.00
N TRP B 484 2.16 -33.77 -10.87
CA TRP B 484 2.72 -34.45 -12.03
C TRP B 484 1.61 -35.19 -12.79
N GLU B 485 0.81 -35.96 -12.07
CA GLU B 485 -0.30 -36.69 -12.68
C GLU B 485 -1.22 -35.74 -13.44
N SER B 486 -1.56 -34.61 -12.81
CA SER B 486 -2.42 -33.61 -13.45
C SER B 486 -1.75 -32.95 -14.66
N ARG B 487 -0.47 -32.65 -14.59
CA ARG B 487 0.24 -32.15 -15.78
C ARG B 487 0.08 -33.12 -16.94
N ASP B 488 0.48 -34.38 -16.71
CA ASP B 488 0.48 -35.42 -17.76
C ASP B 488 -0.90 -35.60 -18.37
N ARG B 489 -1.89 -35.63 -17.49
CA ARG B 489 -3.28 -35.81 -17.88
C ARG B 489 -3.78 -34.67 -18.75
N TYR B 490 -3.49 -33.43 -18.37
CA TYR B 490 -3.91 -32.28 -19.17
C TYR B 490 -3.08 -32.15 -20.43
N GLU B 491 -1.82 -32.56 -20.39
CA GLU B 491 -1.02 -32.57 -21.61
C GLU B 491 -1.60 -33.56 -22.62
N GLU B 492 -1.95 -34.77 -22.16
CA GLU B 492 -2.63 -35.74 -23.02
C GLU B 492 -3.96 -35.19 -23.56
N LEU B 493 -4.73 -34.56 -22.69
CA LEU B 493 -6.02 -33.99 -23.09
C LEU B 493 -5.86 -32.94 -24.19
N LYS B 494 -4.73 -32.21 -24.18
CA LYS B 494 -4.45 -31.24 -25.23
C LYS B 494 -4.06 -31.91 -26.55
N ARG B 495 -3.27 -32.97 -26.50
CA ARG B 495 -2.91 -33.72 -27.72
C ARG B 495 -4.19 -34.15 -28.42
N ILE B 496 -5.13 -34.65 -27.64
CA ILE B 496 -6.44 -35.09 -28.11
C ILE B 496 -7.27 -33.92 -28.65
N ASP B 497 -7.38 -32.82 -27.89
CA ASP B 497 -8.07 -31.61 -28.36
C ASP B 497 -7.51 -31.11 -29.71
N ASP B 498 -6.18 -31.12 -29.84
CA ASP B 498 -5.48 -30.64 -31.06
C ASP B 498 -5.70 -31.56 -32.25
N ALA B 499 -5.65 -32.86 -31.99
CA ALA B 499 -5.88 -33.88 -33.01
C ALA B 499 -7.32 -33.78 -33.51
N MET B 500 -8.24 -33.52 -32.60
CA MET B 500 -9.64 -33.34 -32.96
C MET B 500 -9.84 -32.09 -33.81
N LYS B 501 -9.12 -31.01 -33.49
CA LYS B 501 -9.22 -29.77 -34.26
C LYS B 501 -8.67 -29.99 -35.65
N GLU B 502 -7.44 -30.48 -35.71
CA GLU B 502 -6.81 -30.84 -36.97
C GLU B 502 -7.81 -31.59 -37.86
N LEU B 503 -8.43 -32.63 -37.31
CA LEU B 503 -9.36 -33.49 -38.04
C LEU B 503 -10.54 -32.76 -38.70
N GLN B 504 -10.94 -31.62 -38.16
CA GLN B 504 -11.99 -30.80 -38.80
C GLN B 504 -11.38 -29.74 -39.74
N LYS B 505 -10.74 -30.24 -40.79
CA LYS B 505 -10.04 -29.46 -41.84
C LYS B 505 -8.98 -30.33 -42.55
N LYS B 506 -8.32 -31.21 -41.79
CA LYS B 506 -7.39 -32.23 -42.32
C LYS B 506 -8.09 -33.17 -43.32
#